data_4AIO
#
_entry.id   4AIO
#
_cell.length_a   176.058
_cell.length_b   82.072
_cell.length_c   59.378
_cell.angle_alpha   90.00
_cell.angle_beta   96.20
_cell.angle_gamma   90.00
#
_symmetry.space_group_name_H-M   'C 1 2 1'
#
loop_
_entity.id
_entity.type
_entity.pdbx_description
1 polymer 'LIMIT DEXTRINASE'
2 non-polymer GLYCEROL
3 non-polymer 'CALCIUM ION'
4 non-polymer 'IODIDE ION'
5 water water
#
_entity_poly.entity_id   1
_entity_poly.type   'polypeptide(L)'
_entity_poly.pdbx_seq_one_letter_code
;AFMPDARAYWVTSDLIAWNVGELEAQSVCLYASRAAAMSLSPSNGGIQGYDSKVELQPESAGLPETVTQKFPFISSYRAF
RVPSSVDVASLVKCQLVVASFGADGKHVDVTGLQLPGVLDDMFAYTGPLGAVFSEDSVSLHLWAPTAQGVSVCFFDGPAG
PALETVQLKESNGVWSVTGPREWENRYYLYEVDVYHPTKAQVLKCLAGDPYARSLSANGARTWLVDINNETLKPASWDEL
ADEKPKLDSFSDITIYELHIRDFSAHDGTVDSDSRGGFRAFAYQASAGMEHLRKLSDAGLTHVHLLPSFHFAGVDDIKSN
WKFVDECELATFPPGSDMQQAAVVAIQEEDPYNWGYNPVLWGVPKGSYASDPDGPSRIIEYRQMVQALNRIGLRVVMDVV
YNHLDSSGPCGISSVLDKIVPGYYVRRDTNGQIENSAAMNNTASEHFMVDRLIVDDLLNWAVNYKVDGFRFDLMGHIMKR
TMMRAKSALQSLTTDAHGVDGSKIYLYGEGWDFAEVARNQRGINGSQLNMSGTGIGSFNDRIRDAINGGNPFGNPLQQGF
NTGLFLEPNGFYQGNEADTRRSLATYADQIQIGLAGNLRDYVLISHTGEAKKGSEIHTFDGLPVGYTASPIETINYVSAH
DNETLFDVISVKTPMILSVDERCRINHLASSMMALSQGIPFFHAGDEILRSKSIDRDSYNSGDWFNKLDFTYETNNWGVG
LPPSEKNEDNWPLMKPRLENPSFKPAKGHILAALDSFVDILKIRYSSPLFRLSTANDIKQRVRFHNTGPSLVPGVIVMGI
EDARGESPEMAQLDTNFSYVVTVFNVCPHEVSMDIPALASMGFELHPVQVNSSDTLVRKSAYEAATGRFTVPGRTVSVFV
EPRC
;
_entity_poly.pdbx_strand_id   A
#
# COMPACT_ATOMS: atom_id res chain seq x y z
N ALA A 1 -24.43 9.23 -10.57
CA ALA A 1 -25.14 8.46 -11.61
C ALA A 1 -24.29 7.32 -12.15
N PHE A 2 -24.93 6.19 -12.45
CA PHE A 2 -24.26 5.04 -13.05
C PHE A 2 -23.90 5.31 -14.51
N MET A 3 -22.86 4.66 -15.02
CA MET A 3 -22.60 4.71 -16.46
C MET A 3 -23.70 3.92 -17.20
N PRO A 4 -24.06 4.35 -18.42
CA PRO A 4 -25.11 3.64 -19.15
C PRO A 4 -24.71 2.22 -19.54
N ASP A 5 -25.70 1.45 -19.98
CA ASP A 5 -25.49 0.10 -20.49
C ASP A 5 -24.49 0.12 -21.66
N ALA A 6 -23.36 -0.56 -21.46
CA ALA A 6 -22.34 -0.67 -22.51
C ALA A 6 -21.73 -2.07 -22.52
N ARG A 7 -22.34 -2.96 -23.31
CA ARG A 7 -22.05 -4.38 -23.29
C ARG A 7 -21.19 -4.81 -24.49
N ALA A 8 -20.94 -3.88 -25.40
CA ALA A 8 -20.05 -4.11 -26.53
C ALA A 8 -18.73 -3.39 -26.34
N TYR A 9 -17.69 -3.88 -27.00
CA TYR A 9 -16.33 -3.33 -26.87
C TYR A 9 -15.75 -2.94 -28.22
N TRP A 10 -15.27 -1.71 -28.34
CA TRP A 10 -14.46 -1.34 -29.49
C TRP A 10 -13.01 -1.57 -29.15
N VAL A 11 -12.45 -2.66 -29.69
CA VAL A 11 -11.16 -3.20 -29.21
C VAL A 11 -9.93 -2.86 -30.08
N THR A 12 -10.15 -2.65 -31.38
CA THR A 12 -9.11 -2.21 -32.31
C THR A 12 -9.81 -1.31 -33.33
N SER A 13 -9.04 -0.60 -34.14
CA SER A 13 -9.61 0.28 -35.16
C SER A 13 -10.69 -0.39 -36.00
N ASP A 14 -10.51 -1.68 -36.28
CA ASP A 14 -11.38 -2.40 -37.20
C ASP A 14 -12.33 -3.43 -36.57
N LEU A 15 -12.22 -3.66 -35.26
CA LEU A 15 -13.03 -4.70 -34.63
C LEU A 15 -13.87 -4.26 -33.41
N ILE A 16 -15.14 -4.63 -33.45
CA ILE A 16 -16.04 -4.52 -32.30
C ILE A 16 -16.43 -5.91 -31.80
N ALA A 17 -16.35 -6.11 -30.48
CA ALA A 17 -16.74 -7.35 -29.85
C ALA A 17 -18.04 -7.22 -29.07
N TRP A 18 -18.91 -8.23 -29.17
CA TRP A 18 -20.22 -8.22 -28.52
C TRP A 18 -20.71 -9.64 -28.39
N ASN A 19 -21.06 -10.03 -27.17
CA ASN A 19 -21.55 -11.38 -26.90
C ASN A 19 -23.03 -11.56 -27.27
N VAL A 20 -23.31 -11.54 -28.57
CA VAL A 20 -24.67 -11.75 -29.08
C VAL A 20 -24.80 -13.09 -29.79
N GLY A 21 -25.98 -13.71 -29.65
CA GLY A 21 -26.26 -15.01 -30.28
C GLY A 21 -26.22 -14.97 -31.80
N GLU A 22 -25.92 -16.13 -32.41
CA GLU A 22 -25.78 -16.25 -33.86
C GLU A 22 -27.09 -16.01 -34.60
N LEU A 23 -28.13 -16.78 -34.25
CA LEU A 23 -29.45 -16.61 -34.84
C LEU A 23 -30.18 -15.40 -34.24
N GLU A 24 -29.71 -14.95 -33.08
CA GLU A 24 -30.23 -13.76 -32.42
C GLU A 24 -29.81 -12.47 -33.14
N ALA A 25 -28.78 -12.57 -33.98
CA ALA A 25 -28.28 -11.42 -34.73
C ALA A 25 -28.12 -11.73 -36.22
N GLN A 26 -29.07 -11.27 -37.03
CA GLN A 26 -28.96 -11.34 -38.49
C GLN A 26 -27.91 -10.34 -38.97
N SER A 27 -27.96 -9.13 -38.43
CA SER A 27 -26.99 -8.08 -38.72
C SER A 27 -26.84 -7.09 -37.55
N VAL A 28 -25.69 -6.45 -37.48
CA VAL A 28 -25.36 -5.47 -36.43
C VAL A 28 -25.00 -4.11 -37.04
N CYS A 29 -25.47 -3.04 -36.41
CA CYS A 29 -25.22 -1.68 -36.88
C CYS A 29 -24.62 -0.76 -35.82
N LEU A 30 -23.78 0.17 -36.27
CA LEU A 30 -23.19 1.19 -35.42
C LEU A 30 -23.81 2.56 -35.75
N TYR A 31 -24.28 3.26 -34.73
CA TYR A 31 -24.87 4.58 -34.87
C TYR A 31 -24.04 5.61 -34.10
N ALA A 32 -23.83 6.77 -34.72
CA ALA A 32 -23.06 7.88 -34.12
C ALA A 32 -23.82 9.20 -34.07
N SER A 33 -23.68 9.93 -32.96
CA SER A 33 -24.20 11.28 -32.84
C SER A 33 -23.15 12.24 -32.26
N ARG A 34 -22.76 13.24 -33.05
CA ARG A 34 -21.85 14.31 -32.63
C ARG A 34 -22.39 15.09 -31.43
N ALA A 35 -23.71 15.33 -31.42
CA ALA A 35 -24.34 16.17 -30.39
C ALA A 35 -24.94 15.39 -29.22
N ALA A 36 -24.71 14.07 -29.21
CA ALA A 36 -25.28 13.17 -28.21
C ALA A 36 -26.81 13.27 -28.17
N ALA A 37 -27.42 13.16 -29.34
CA ALA A 37 -28.86 13.38 -29.49
C ALA A 37 -29.64 12.09 -29.74
N MET A 38 -28.99 10.95 -29.56
CA MET A 38 -29.66 9.66 -29.80
C MET A 38 -30.60 9.27 -28.68
N SER A 39 -31.70 8.65 -29.07
CA SER A 39 -32.67 8.14 -28.11
C SER A 39 -33.34 6.91 -28.71
N LEU A 40 -34.01 6.15 -27.85
CA LEU A 40 -34.84 5.05 -28.30
C LEU A 40 -36.18 5.10 -27.60
N SER A 41 -37.18 5.65 -28.28
CA SER A 41 -38.55 5.67 -27.78
C SER A 41 -39.27 4.40 -28.20
N PRO A 42 -39.92 3.70 -27.24
CA PRO A 42 -40.69 2.49 -27.54
C PRO A 42 -41.86 2.73 -28.50
N SER A 43 -42.36 3.96 -28.58
CA SER A 43 -43.43 4.30 -29.51
C SER A 43 -42.96 4.33 -30.96
N ASN A 44 -41.71 4.73 -31.17
CA ASN A 44 -41.13 4.83 -32.51
C ASN A 44 -40.42 3.54 -32.94
N GLY A 45 -39.74 2.89 -31.99
CA GLY A 45 -39.11 1.59 -32.23
C GLY A 45 -37.69 1.61 -32.82
N GLY A 46 -37.33 2.68 -33.52
CA GLY A 46 -36.01 2.80 -34.14
C GLY A 46 -35.13 3.84 -33.47
N ILE A 47 -33.81 3.67 -33.59
CA ILE A 47 -32.87 4.62 -33.00
C ILE A 47 -33.01 5.97 -33.70
N GLN A 48 -33.19 7.03 -32.92
CA GLN A 48 -33.31 8.36 -33.49
C GLN A 48 -32.15 9.25 -33.05
N GLY A 49 -31.97 10.37 -33.75
CA GLY A 49 -30.96 11.38 -33.40
C GLY A 49 -29.54 11.14 -33.87
N TYR A 50 -29.36 10.17 -34.77
CA TYR A 50 -28.03 9.86 -35.29
C TYR A 50 -27.63 10.65 -36.53
N ASP A 51 -26.33 10.94 -36.63
CA ASP A 51 -25.76 11.65 -37.78
C ASP A 51 -25.27 10.66 -38.81
N SER A 52 -24.79 9.51 -38.35
CA SER A 52 -24.37 8.45 -39.24
C SER A 52 -24.68 7.04 -38.72
N LYS A 53 -24.64 6.09 -39.64
CA LYS A 53 -24.94 4.70 -39.37
C LYS A 53 -24.10 3.86 -40.32
N VAL A 54 -23.50 2.80 -39.79
CA VAL A 54 -22.71 1.89 -40.63
C VAL A 54 -22.94 0.43 -40.25
N GLU A 55 -23.15 -0.41 -41.25
CA GLU A 55 -23.34 -1.84 -41.02
C GLU A 55 -22.00 -2.49 -40.72
N LEU A 56 -22.01 -3.41 -39.76
CA LEU A 56 -20.79 -4.14 -39.41
C LEU A 56 -20.89 -5.58 -39.91
N GLN A 57 -19.82 -6.07 -40.52
CA GLN A 57 -19.77 -7.45 -41.00
C GLN A 57 -19.23 -8.42 -39.93
N PRO A 58 -19.96 -9.52 -39.68
CA PRO A 58 -19.50 -10.51 -38.72
C PRO A 58 -18.16 -11.13 -39.13
N GLU A 59 -17.27 -11.32 -38.17
CA GLU A 59 -15.94 -11.87 -38.42
C GLU A 59 -15.90 -13.29 -37.90
N SER A 60 -16.07 -14.26 -38.81
CA SER A 60 -16.28 -15.67 -38.48
C SER A 60 -15.27 -16.28 -37.51
N ALA A 61 -13.98 -15.99 -37.73
CA ALA A 61 -12.90 -16.57 -36.93
C ALA A 61 -12.83 -16.00 -35.51
N GLY A 62 -13.09 -14.71 -35.38
CA GLY A 62 -13.13 -14.06 -34.07
C GLY A 62 -12.09 -12.98 -33.87
N LEU A 63 -11.70 -12.82 -32.61
CA LEU A 63 -10.80 -11.76 -32.17
C LEU A 63 -9.34 -12.22 -32.22
N PRO A 64 -8.43 -11.33 -32.66
CA PRO A 64 -7.01 -11.68 -32.69
C PRO A 64 -6.41 -11.86 -31.29
N GLU A 65 -5.26 -12.50 -31.23
CA GLU A 65 -4.60 -12.85 -29.96
C GLU A 65 -4.26 -11.62 -29.11
N THR A 66 -3.88 -10.53 -29.77
CA THR A 66 -3.49 -9.30 -29.10
C THR A 66 -4.63 -8.69 -28.28
N VAL A 67 -5.86 -8.87 -28.76
CA VAL A 67 -7.06 -8.44 -28.04
C VAL A 67 -7.33 -9.33 -26.83
N THR A 68 -7.32 -10.65 -27.05
CA THR A 68 -7.67 -11.61 -26.01
C THR A 68 -6.61 -11.70 -24.92
N GLN A 69 -5.34 -11.49 -25.28
CA GLN A 69 -4.28 -11.37 -24.29
C GLN A 69 -4.49 -10.13 -23.42
N LYS A 70 -5.00 -9.06 -24.02
CA LYS A 70 -5.22 -7.79 -23.31
C LYS A 70 -6.53 -7.82 -22.52
N PHE A 71 -7.57 -8.38 -23.12
CA PHE A 71 -8.88 -8.49 -22.49
C PHE A 71 -9.36 -9.94 -22.51
N PRO A 72 -8.81 -10.79 -21.61
CA PRO A 72 -9.12 -12.22 -21.64
C PRO A 72 -10.59 -12.55 -21.39
N PHE A 73 -11.25 -11.76 -20.56
CA PHE A 73 -12.64 -11.96 -20.18
C PHE A 73 -13.64 -11.83 -21.34
N ILE A 74 -13.24 -11.25 -22.47
CA ILE A 74 -14.12 -11.20 -23.64
C ILE A 74 -13.69 -12.16 -24.75
N SER A 75 -12.81 -13.10 -24.43
CA SER A 75 -12.28 -14.04 -25.44
C SER A 75 -13.38 -14.83 -26.17
N SER A 76 -14.52 -15.03 -25.52
CA SER A 76 -15.66 -15.76 -26.08
C SER A 76 -16.57 -14.91 -26.98
N TYR A 77 -16.33 -13.60 -27.04
CA TYR A 77 -17.24 -12.67 -27.72
C TYR A 77 -17.18 -12.77 -29.24
N ARG A 78 -18.36 -12.61 -29.88
CA ARG A 78 -18.44 -12.55 -31.33
C ARG A 78 -17.77 -11.27 -31.85
N ALA A 79 -17.14 -11.37 -33.00
CA ALA A 79 -16.35 -10.27 -33.56
C ALA A 79 -17.01 -9.68 -34.81
N PHE A 80 -17.03 -8.35 -34.87
CA PHE A 80 -17.68 -7.61 -35.96
C PHE A 80 -16.73 -6.57 -36.55
N ARG A 81 -16.52 -6.65 -37.86
CA ARG A 81 -15.58 -5.78 -38.55
C ARG A 81 -16.19 -4.44 -38.93
N VAL A 82 -15.45 -3.37 -38.64
CA VAL A 82 -15.79 -2.03 -39.08
C VAL A 82 -15.07 -1.79 -40.41
N PRO A 83 -15.83 -1.47 -41.47
CA PRO A 83 -15.22 -1.16 -42.78
C PRO A 83 -14.19 -0.04 -42.68
N SER A 84 -13.12 -0.15 -43.46
CA SER A 84 -11.96 0.74 -43.34
C SER A 84 -12.16 2.15 -43.88
N SER A 85 -13.33 2.39 -44.50
CA SER A 85 -13.65 3.72 -45.02
C SER A 85 -14.36 4.57 -43.95
N VAL A 86 -14.50 4.01 -42.75
CA VAL A 86 -15.12 4.70 -41.62
C VAL A 86 -14.06 5.53 -40.89
N ASP A 87 -14.35 6.80 -40.65
CA ASP A 87 -13.42 7.68 -39.96
C ASP A 87 -13.48 7.44 -38.44
N VAL A 88 -12.75 6.43 -38.01
CA VAL A 88 -12.71 6.02 -36.59
C VAL A 88 -12.32 7.18 -35.66
N ALA A 89 -11.31 7.96 -36.05
CA ALA A 89 -10.85 9.10 -35.24
C ALA A 89 -11.96 10.14 -34.95
N SER A 90 -12.84 10.37 -35.91
CA SER A 90 -14.00 11.24 -35.70
C SER A 90 -15.04 10.58 -34.81
N LEU A 91 -15.29 9.29 -35.04
CA LEU A 91 -16.39 8.58 -34.39
C LEU A 91 -16.25 8.43 -32.88
N VAL A 92 -15.02 8.21 -32.42
CA VAL A 92 -14.74 8.06 -30.97
C VAL A 92 -15.01 9.34 -30.17
N LYS A 93 -15.22 10.44 -30.89
CA LYS A 93 -15.58 11.72 -30.28
C LYS A 93 -17.10 11.86 -30.11
N CYS A 94 -17.83 10.91 -30.69
CA CYS A 94 -19.29 10.98 -30.72
C CYS A 94 -19.92 10.06 -29.68
N GLN A 95 -21.22 10.26 -29.45
CA GLN A 95 -22.05 9.30 -28.76
C GLN A 95 -22.23 8.13 -29.72
N LEU A 96 -22.03 6.92 -29.20
CA LEU A 96 -22.11 5.71 -30.01
C LEU A 96 -22.99 4.66 -29.37
N VAL A 97 -23.77 3.98 -30.21
CA VAL A 97 -24.46 2.77 -29.81
C VAL A 97 -24.32 1.72 -30.91
N VAL A 98 -24.47 0.47 -30.52
CA VAL A 98 -24.48 -0.62 -31.47
C VAL A 98 -25.84 -1.28 -31.33
N ALA A 99 -26.39 -1.78 -32.43
CA ALA A 99 -27.72 -2.38 -32.43
C ALA A 99 -27.74 -3.73 -33.14
N SER A 100 -28.47 -4.67 -32.56
CA SER A 100 -28.62 -6.01 -33.11
C SER A 100 -30.01 -6.15 -33.72
N PHE A 101 -30.08 -6.90 -34.82
CA PHE A 101 -31.34 -7.10 -35.54
C PHE A 101 -31.50 -8.57 -35.94
N GLY A 102 -32.61 -9.17 -35.51
CA GLY A 102 -32.91 -10.57 -35.81
C GLY A 102 -33.00 -10.82 -37.30
N ALA A 103 -32.66 -12.05 -37.71
CA ALA A 103 -32.73 -12.46 -39.12
C ALA A 103 -34.16 -12.44 -39.68
N ASP A 104 -35.13 -12.18 -38.79
CA ASP A 104 -36.54 -12.00 -39.16
C ASP A 104 -36.92 -10.51 -39.21
N GLY A 105 -36.11 -9.67 -38.56
CA GLY A 105 -36.31 -8.23 -38.59
C GLY A 105 -36.66 -7.65 -37.24
N LYS A 106 -36.28 -6.39 -37.02
CA LYS A 106 -36.61 -5.69 -35.78
C LYS A 106 -35.53 -5.78 -34.72
N HIS A 107 -35.30 -4.67 -34.01
CA HIS A 107 -34.27 -4.56 -32.99
C HIS A 107 -34.44 -5.58 -31.90
N VAL A 108 -33.40 -6.37 -31.68
CA VAL A 108 -33.38 -7.36 -30.61
C VAL A 108 -32.53 -6.90 -29.40
N ASP A 109 -31.52 -6.06 -29.66
CA ASP A 109 -30.66 -5.50 -28.59
C ASP A 109 -29.96 -4.20 -29.02
N VAL A 110 -29.78 -3.29 -28.06
CA VAL A 110 -29.06 -2.03 -28.28
C VAL A 110 -28.17 -1.76 -27.06
N THR A 111 -26.93 -1.32 -27.28
CA THR A 111 -26.00 -1.05 -26.15
C THR A 111 -24.91 -0.02 -26.52
N GLY A 112 -24.31 0.60 -25.51
CA GLY A 112 -23.16 1.49 -25.70
C GLY A 112 -21.87 0.71 -25.89
N LEU A 113 -20.81 1.39 -26.32
CA LEU A 113 -19.53 0.73 -26.58
C LEU A 113 -18.47 1.12 -25.55
N GLN A 114 -17.71 0.15 -25.09
CA GLN A 114 -16.56 0.43 -24.25
C GLN A 114 -15.35 0.61 -25.16
N LEU A 115 -14.70 1.79 -25.05
CA LEU A 115 -13.71 2.25 -26.04
C LEU A 115 -12.19 2.09 -25.78
N PRO A 116 -11.78 1.71 -24.55
CA PRO A 116 -10.33 1.67 -24.27
C PRO A 116 -9.46 0.92 -25.28
N GLY A 117 -9.93 -0.24 -25.75
CA GLY A 117 -9.18 -1.03 -26.73
C GLY A 117 -8.83 -0.23 -27.96
N VAL A 118 -9.84 0.37 -28.59
CA VAL A 118 -9.62 1.17 -29.81
C VAL A 118 -8.85 2.46 -29.51
N LEU A 119 -9.07 3.06 -28.35
CA LEU A 119 -8.30 4.27 -28.00
C LEU A 119 -6.80 3.97 -27.89
N ASP A 120 -6.45 2.81 -27.35
CA ASP A 120 -5.03 2.36 -27.29
C ASP A 120 -4.50 2.02 -28.68
N ASP A 121 -5.28 1.23 -29.41
CA ASP A 121 -4.90 0.80 -30.76
C ASP A 121 -4.56 2.01 -31.64
N MET A 122 -5.37 3.06 -31.56
CA MET A 122 -5.19 4.20 -32.46
C MET A 122 -4.43 5.39 -31.89
N PHE A 123 -4.44 5.54 -30.58
CA PHE A 123 -3.96 6.80 -29.99
C PHE A 123 -2.96 6.64 -28.84
N ALA A 124 -2.51 5.41 -28.56
CA ALA A 124 -1.48 5.21 -27.54
C ALA A 124 -0.37 6.21 -27.83
N TYR A 125 0.08 6.89 -26.78
CA TYR A 125 0.98 7.99 -26.99
C TYR A 125 2.13 7.93 -25.99
N THR A 126 3.36 8.09 -26.48
CA THR A 126 4.56 7.93 -25.66
C THR A 126 5.37 9.23 -25.58
N GLY A 127 4.88 10.28 -26.22
CA GLY A 127 5.57 11.59 -26.20
C GLY A 127 5.35 12.34 -24.91
N PRO A 128 5.91 13.57 -24.81
CA PRO A 128 5.73 14.39 -23.62
C PRO A 128 4.25 14.66 -23.25
N LEU A 129 3.95 14.58 -21.96
CA LEU A 129 2.65 15.00 -21.42
C LEU A 129 2.88 15.98 -20.29
N GLY A 130 1.90 16.85 -20.04
CA GLY A 130 2.07 17.96 -19.13
C GLY A 130 2.86 19.10 -19.74
N ALA A 131 3.66 19.76 -18.90
CA ALA A 131 4.43 20.93 -19.33
C ALA A 131 5.88 20.56 -19.65
N VAL A 132 6.38 21.06 -20.79
CA VAL A 132 7.79 20.93 -21.16
C VAL A 132 8.39 22.35 -21.30
N PHE A 133 9.49 22.58 -20.59
CA PHE A 133 10.14 23.87 -20.62
C PHE A 133 11.41 23.85 -21.48
N SER A 134 11.52 24.80 -22.40
CA SER A 134 12.80 25.07 -23.06
C SER A 134 13.30 26.48 -22.70
N GLU A 135 14.41 26.90 -23.31
CA GLU A 135 14.98 28.23 -23.08
C GLU A 135 13.99 29.35 -23.39
N ASP A 136 13.32 29.23 -24.53
CA ASP A 136 12.44 30.30 -25.01
C ASP A 136 10.94 30.01 -24.95
N SER A 137 10.56 28.83 -24.47
CA SER A 137 9.16 28.40 -24.57
C SER A 137 8.69 27.41 -23.49
N VAL A 138 7.36 27.32 -23.36
CA VAL A 138 6.72 26.29 -22.56
C VAL A 138 5.64 25.64 -23.43
N SER A 139 5.64 24.31 -23.52
CA SER A 139 4.53 23.62 -24.19
C SER A 139 3.68 22.82 -23.21
N LEU A 140 2.39 22.68 -23.55
CA LEU A 140 1.46 21.81 -22.83
C LEU A 140 0.93 20.73 -23.77
N HIS A 141 0.84 19.51 -23.26
CA HIS A 141 0.29 18.34 -23.98
C HIS A 141 -0.72 17.61 -23.14
N LEU A 142 -1.87 17.33 -23.71
CA LEU A 142 -2.92 16.58 -23.01
C LEU A 142 -3.44 15.43 -23.89
N TRP A 143 -3.53 14.24 -23.31
CA TRP A 143 -4.12 13.11 -24.02
C TRP A 143 -5.59 13.12 -23.77
N ALA A 144 -6.35 13.41 -24.82
CA ALA A 144 -7.79 13.46 -24.73
C ALA A 144 -8.41 13.10 -26.09
N PRO A 145 -8.31 11.81 -26.47
CA PRO A 145 -8.67 11.41 -27.84
C PRO A 145 -10.16 11.44 -28.14
N THR A 146 -10.99 11.42 -27.09
CA THR A 146 -12.43 11.51 -27.30
C THR A 146 -12.96 12.96 -27.23
N ALA A 147 -12.08 13.92 -26.93
CA ALA A 147 -12.52 15.31 -26.77
C ALA A 147 -12.85 15.98 -28.10
N GLN A 148 -13.91 16.79 -28.11
CA GLN A 148 -14.29 17.57 -29.29
C GLN A 148 -13.53 18.90 -29.34
N GLY A 149 -13.07 19.37 -28.18
CA GLY A 149 -12.30 20.60 -28.12
C GLY A 149 -11.55 20.64 -26.80
N VAL A 150 -10.35 21.20 -26.83
CA VAL A 150 -9.59 21.49 -25.61
C VAL A 150 -8.97 22.88 -25.71
N SER A 151 -9.13 23.67 -24.65
CA SER A 151 -8.46 24.95 -24.48
C SER A 151 -7.77 24.98 -23.12
N VAL A 152 -6.87 25.94 -22.93
CA VAL A 152 -6.28 26.17 -21.62
C VAL A 152 -6.70 27.56 -21.15
N CYS A 153 -7.04 27.63 -19.86
CA CYS A 153 -7.44 28.87 -19.21
CA CYS A 153 -7.43 28.87 -19.22
C CYS A 153 -6.34 29.26 -18.23
N PHE A 154 -5.80 30.46 -18.39
CA PHE A 154 -4.75 30.95 -17.50
C PHE A 154 -5.33 31.88 -16.45
N PHE A 155 -4.83 31.74 -15.23
CA PHE A 155 -5.39 32.48 -14.11
C PHE A 155 -4.49 33.53 -13.51
N ASP A 156 -5.14 34.54 -12.93
CA ASP A 156 -4.54 35.57 -12.11
C ASP A 156 -4.22 34.98 -10.74
N GLY A 157 -3.16 34.18 -10.65
CA GLY A 157 -2.75 33.56 -9.38
C GLY A 157 -3.64 32.41 -8.95
N PRO A 158 -3.48 31.95 -7.68
CA PRO A 158 -4.24 30.77 -7.26
C PRO A 158 -5.72 31.03 -7.00
N ALA A 159 -6.09 32.29 -6.76
CA ALA A 159 -7.45 32.65 -6.38
C ALA A 159 -8.13 33.60 -7.36
N GLY A 160 -7.35 34.21 -8.26
CA GLY A 160 -7.86 35.26 -9.12
C GLY A 160 -8.63 34.75 -10.33
N PRO A 161 -9.28 35.67 -11.07
CA PRO A 161 -10.13 35.29 -12.20
C PRO A 161 -9.33 34.83 -13.41
N ALA A 162 -9.99 34.16 -14.34
CA ALA A 162 -9.38 33.80 -15.61
C ALA A 162 -8.96 35.07 -16.33
N LEU A 163 -7.79 35.03 -16.95
CA LEU A 163 -7.25 36.20 -17.63
C LEU A 163 -7.16 36.01 -19.12
N GLU A 164 -7.08 34.76 -19.55
CA GLU A 164 -6.79 34.43 -20.93
C GLU A 164 -7.19 32.98 -21.21
N THR A 165 -7.80 32.75 -22.38
CA THR A 165 -8.02 31.40 -22.89
C THR A 165 -7.25 31.20 -24.21
N VAL A 166 -6.62 30.03 -24.36
CA VAL A 166 -5.87 29.71 -25.57
C VAL A 166 -6.32 28.33 -26.08
N GLN A 167 -6.66 28.25 -27.36
CA GLN A 167 -7.09 27.01 -27.97
C GLN A 167 -5.91 26.06 -28.21
N LEU A 168 -6.11 24.77 -27.97
CA LEU A 168 -5.09 23.78 -28.31
C LEU A 168 -5.47 23.12 -29.63
N LYS A 169 -4.49 22.52 -30.29
CA LYS A 169 -4.71 21.82 -31.54
C LYS A 169 -4.50 20.34 -31.33
N GLU A 170 -5.30 19.51 -32.01
CA GLU A 170 -5.22 18.06 -31.83
C GLU A 170 -4.39 17.36 -32.92
N SER A 171 -3.58 16.39 -32.49
CA SER A 171 -2.98 15.46 -33.42
C SER A 171 -3.00 14.08 -32.81
N ASN A 172 -3.63 13.13 -33.52
CA ASN A 172 -3.72 11.75 -33.03
C ASN A 172 -4.10 11.61 -31.55
N GLY A 173 -5.13 12.34 -31.15
CA GLY A 173 -5.65 12.26 -29.78
C GLY A 173 -4.96 13.13 -28.76
N VAL A 174 -3.86 13.78 -29.16
CA VAL A 174 -3.08 14.60 -28.24
C VAL A 174 -3.26 16.08 -28.59
N TRP A 175 -3.67 16.85 -27.58
CA TRP A 175 -3.87 18.29 -27.69
C TRP A 175 -2.68 19.01 -27.16
N SER A 176 -2.20 19.99 -27.92
CA SER A 176 -1.01 20.72 -27.53
C SER A 176 -1.03 22.16 -27.98
N VAL A 177 -0.17 22.94 -27.32
CA VAL A 177 0.05 24.33 -27.65
C VAL A 177 1.40 24.70 -27.07
N THR A 178 2.10 25.61 -27.73
CA THR A 178 3.39 26.11 -27.26
C THR A 178 3.34 27.62 -27.05
N GLY A 179 3.74 28.06 -25.88
CA GLY A 179 3.72 29.48 -25.56
C GLY A 179 5.09 29.95 -25.13
N PRO A 180 5.21 31.25 -24.79
CA PRO A 180 6.47 31.85 -24.40
C PRO A 180 6.86 31.46 -22.99
N ARG A 181 8.14 31.64 -22.67
CA ARG A 181 8.68 31.29 -21.36
C ARG A 181 7.95 32.03 -20.22
N GLU A 182 7.34 33.17 -20.54
CA GLU A 182 6.59 33.97 -19.56
C GLU A 182 5.32 33.30 -19.01
N TRP A 183 4.91 32.20 -19.62
CA TRP A 183 3.82 31.38 -19.11
C TRP A 183 4.21 30.71 -17.81
N GLU A 184 5.51 30.57 -17.58
CA GLU A 184 6.04 29.96 -16.35
C GLU A 184 5.45 30.60 -15.09
N ASN A 185 5.05 29.75 -14.15
CA ASN A 185 4.47 30.17 -12.85
C ASN A 185 3.02 30.68 -12.89
N ARG A 186 2.42 30.74 -14.06
CA ARG A 186 0.97 30.96 -14.16
C ARG A 186 0.23 29.77 -13.56
N TYR A 187 -1.05 29.96 -13.25
CA TYR A 187 -1.93 28.86 -12.91
C TYR A 187 -2.83 28.58 -14.10
N TYR A 188 -3.20 27.32 -14.28
CA TYR A 188 -4.05 26.95 -15.41
C TYR A 188 -5.01 25.81 -15.13
N LEU A 189 -6.00 25.70 -16.00
CA LEU A 189 -6.88 24.56 -16.09
C LEU A 189 -7.17 24.31 -17.56
N TYR A 190 -7.41 23.05 -17.91
CA TYR A 190 -7.90 22.70 -19.25
C TYR A 190 -9.42 22.77 -19.31
N GLU A 191 -9.92 23.31 -20.41
CA GLU A 191 -11.35 23.32 -20.66
C GLU A 191 -11.60 22.26 -21.70
N VAL A 192 -12.26 21.17 -21.31
CA VAL A 192 -12.36 19.97 -22.16
C VAL A 192 -13.82 19.72 -22.55
N ASP A 193 -14.10 19.81 -23.86
CA ASP A 193 -15.42 19.55 -24.40
C ASP A 193 -15.48 18.08 -24.76
N VAL A 194 -16.27 17.31 -24.02
CA VAL A 194 -16.26 15.86 -24.21
C VAL A 194 -17.61 15.22 -23.86
N TYR A 195 -17.97 14.17 -24.60
CA TYR A 195 -19.14 13.36 -24.26
C TYR A 195 -18.95 12.61 -22.94
N HIS A 196 -19.85 12.87 -22.00
CA HIS A 196 -19.85 12.17 -20.72
C HIS A 196 -21.04 11.24 -20.66
N PRO A 197 -20.79 9.92 -20.68
CA PRO A 197 -21.84 8.90 -20.65
C PRO A 197 -22.78 9.00 -19.45
N THR A 198 -22.26 9.39 -18.28
CA THR A 198 -23.08 9.47 -17.08
C THR A 198 -24.16 10.56 -17.16
N LYS A 199 -23.93 11.55 -18.03
CA LYS A 199 -24.89 12.65 -18.22
C LYS A 199 -25.54 12.63 -19.60
N ALA A 200 -25.09 11.71 -20.45
CA ALA A 200 -25.55 11.62 -21.85
C ALA A 200 -25.50 12.96 -22.61
N GLN A 201 -24.41 13.70 -22.40
CA GLN A 201 -24.22 15.03 -22.99
C GLN A 201 -22.74 15.32 -23.23
N VAL A 202 -22.46 16.10 -24.27
CA VAL A 202 -21.16 16.75 -24.44
C VAL A 202 -21.11 17.94 -23.47
N LEU A 203 -20.23 17.87 -22.49
CA LEU A 203 -20.11 18.92 -21.49
C LEU A 203 -18.78 19.62 -21.64
N LYS A 204 -18.75 20.88 -21.22
CA LYS A 204 -17.53 21.67 -21.17
C LYS A 204 -17.04 21.64 -19.73
N CYS A 205 -15.98 20.88 -19.47
CA CYS A 205 -15.46 20.68 -18.11
C CYS A 205 -14.11 21.36 -17.93
N LEU A 206 -13.88 21.85 -16.71
CA LEU A 206 -12.59 22.39 -16.31
C LEU A 206 -11.81 21.34 -15.54
N ALA A 207 -10.61 20.99 -16.02
CA ALA A 207 -9.83 19.93 -15.39
C ALA A 207 -8.37 20.30 -15.11
N GLY A 208 -7.82 19.79 -14.01
CA GLY A 208 -6.39 19.94 -13.72
C GLY A 208 -5.62 19.04 -14.68
N ASP A 209 -4.30 19.21 -14.69
CA ASP A 209 -3.45 18.43 -15.58
C ASP A 209 -3.10 17.12 -14.88
N PRO A 210 -3.41 15.97 -15.51
CA PRO A 210 -2.98 14.67 -14.99
C PRO A 210 -1.48 14.64 -14.64
N TYR A 211 -0.67 15.40 -15.37
CA TYR A 211 0.77 15.45 -15.21
C TYR A 211 1.21 16.67 -14.39
N ALA A 212 0.30 17.19 -13.57
CA ALA A 212 0.59 18.32 -12.68
C ALA A 212 1.78 17.99 -11.80
N ARG A 213 2.64 18.97 -11.56
CA ARG A 213 3.73 18.81 -10.59
C ARG A 213 3.51 19.71 -9.36
N SER A 214 2.69 20.74 -9.51
CA SER A 214 2.12 21.46 -8.37
C SER A 214 0.73 22.01 -8.63
N LEU A 215 0.07 22.41 -7.54
CA LEU A 215 -1.35 22.78 -7.53
C LEU A 215 -1.59 23.95 -6.60
N SER A 216 -2.67 24.68 -6.85
CA SER A 216 -3.19 25.62 -5.85
C SER A 216 -3.93 24.81 -4.78
N ALA A 217 -4.43 25.49 -3.75
CA ALA A 217 -5.14 24.83 -2.66
C ALA A 217 -6.25 23.90 -3.18
N ASN A 218 -6.27 22.67 -2.68
CA ASN A 218 -7.24 21.62 -3.05
C ASN A 218 -7.26 21.18 -4.52
N GLY A 219 -6.15 21.47 -5.22
CA GLY A 219 -6.02 21.16 -6.63
C GLY A 219 -7.02 21.93 -7.50
N ALA A 220 -7.48 23.08 -7.05
CA ALA A 220 -8.46 23.86 -7.83
C ALA A 220 -7.87 24.28 -9.17
N ARG A 221 -6.55 24.50 -9.19
CA ARG A 221 -5.81 24.89 -10.39
C ARG A 221 -4.45 24.23 -10.38
N THR A 222 -3.89 24.10 -11.58
CA THR A 222 -2.57 23.52 -11.74
C THR A 222 -1.55 24.66 -11.82
N TRP A 223 -0.42 24.51 -11.12
CA TRP A 223 0.64 25.52 -11.19
C TRP A 223 1.66 25.14 -12.24
N LEU A 224 1.89 26.06 -13.17
CA LEU A 224 2.77 25.79 -14.31
C LEU A 224 4.22 26.07 -13.88
N VAL A 225 4.74 25.18 -13.04
CA VAL A 225 6.05 25.31 -12.40
C VAL A 225 7.06 24.41 -13.10
N ASP A 226 8.31 24.89 -13.20
CA ASP A 226 9.42 24.05 -13.65
C ASP A 226 9.99 23.33 -12.42
N ILE A 227 9.72 22.03 -12.34
CA ILE A 227 10.12 21.20 -11.19
C ILE A 227 11.63 21.21 -10.94
N ASN A 228 12.40 21.46 -11.99
CA ASN A 228 13.87 21.50 -11.94
C ASN A 228 14.42 22.86 -11.48
N ASN A 229 13.53 23.83 -11.29
CA ASN A 229 13.94 25.18 -10.91
C ASN A 229 14.77 25.21 -9.63
N GLU A 230 15.85 25.97 -9.68
CA GLU A 230 16.81 26.04 -8.58
C GLU A 230 16.22 26.50 -7.26
N THR A 231 15.21 27.38 -7.32
CA THR A 231 14.62 27.96 -6.10
C THR A 231 13.70 26.98 -5.34
N LEU A 232 13.42 25.82 -5.96
CA LEU A 232 12.56 24.80 -5.36
C LEU A 232 13.36 23.70 -4.65
N LYS A 233 14.67 23.92 -4.52
CA LYS A 233 15.57 22.91 -3.98
C LYS A 233 16.15 23.37 -2.64
N PRO A 234 16.02 22.55 -1.58
CA PRO A 234 16.69 22.86 -0.31
C PRO A 234 18.20 22.95 -0.51
N ALA A 235 18.91 23.63 0.38
CA ALA A 235 20.37 23.61 0.37
C ALA A 235 20.89 22.18 0.26
N SER A 236 21.84 21.95 -0.64
CA SER A 236 22.54 20.67 -0.82
C SER A 236 21.73 19.55 -1.48
N TRP A 237 20.55 19.89 -2.01
CA TRP A 237 19.66 18.93 -2.65
C TRP A 237 20.34 18.10 -3.68
N ASP A 238 21.10 18.74 -4.58
CA ASP A 238 21.74 18.00 -5.66
C ASP A 238 22.90 17.09 -5.19
N GLU A 239 23.25 17.15 -3.92
CA GLU A 239 24.27 16.25 -3.36
C GLU A 239 23.67 15.20 -2.40
N LEU A 240 22.35 15.04 -2.43
CA LEU A 240 21.67 14.10 -1.55
C LEU A 240 22.10 12.66 -1.77
N ALA A 241 22.33 12.27 -3.03
CA ALA A 241 22.82 10.92 -3.34
C ALA A 241 24.09 10.59 -2.55
N ASP A 242 24.94 11.60 -2.34
CA ASP A 242 26.18 11.43 -1.56
C ASP A 242 25.93 11.29 -0.07
N GLU A 243 24.74 11.70 0.38
CA GLU A 243 24.40 11.69 1.79
C GLU A 243 23.48 10.55 2.17
N LYS A 244 22.94 9.84 1.18
CA LYS A 244 21.99 8.75 1.45
C LYS A 244 22.64 7.63 2.24
N PRO A 245 21.91 7.06 3.21
CA PRO A 245 22.41 5.94 4.00
C PRO A 245 22.77 4.78 3.10
N LYS A 246 23.88 4.11 3.41
CA LYS A 246 24.30 2.94 2.63
C LYS A 246 23.25 1.84 2.74
N LEU A 247 23.09 1.12 1.64
CA LEU A 247 22.26 -0.07 1.62
C LEU A 247 23.00 -1.14 0.83
N ASP A 248 23.63 -2.08 1.56
CA ASP A 248 24.42 -3.16 0.97
C ASP A 248 23.55 -4.14 0.21
N SER A 249 22.37 -4.42 0.76
CA SER A 249 21.47 -5.45 0.23
C SER A 249 20.03 -5.13 0.62
N PHE A 250 19.09 -5.49 -0.26
CA PHE A 250 17.68 -5.46 0.11
C PHE A 250 17.33 -6.33 1.34
N SER A 251 18.11 -7.38 1.59
CA SER A 251 17.89 -8.22 2.77
C SER A 251 18.21 -7.50 4.09
N ASP A 252 18.85 -6.33 4.00
CA ASP A 252 19.17 -5.48 5.15
C ASP A 252 18.06 -4.48 5.54
N ILE A 253 16.95 -4.49 4.80
CA ILE A 253 15.87 -3.56 5.03
C ILE A 253 15.01 -3.92 6.25
N THR A 254 14.74 -2.92 7.08
CA THR A 254 13.64 -2.96 8.05
C THR A 254 12.75 -1.75 7.80
N ILE A 255 11.44 -1.93 7.97
CA ILE A 255 10.47 -0.87 7.61
C ILE A 255 9.61 -0.46 8.81
N TYR A 256 9.41 0.86 8.96
CA TYR A 256 8.60 1.47 10.01
C TYR A 256 7.52 2.30 9.33
N GLU A 257 6.24 1.91 9.50
CA GLU A 257 5.10 2.52 8.82
C GLU A 257 4.46 3.63 9.65
N LEU A 258 4.48 4.84 9.10
CA LEU A 258 4.16 6.08 9.83
C LEU A 258 3.26 7.02 9.02
N HIS A 259 2.27 7.61 9.70
CA HIS A 259 1.40 8.61 9.12
C HIS A 259 1.98 9.96 9.44
N ILE A 260 2.06 10.82 8.43
CA ILE A 260 2.73 12.12 8.54
C ILE A 260 2.09 13.01 9.61
N ARG A 261 0.77 13.05 9.64
CA ARG A 261 0.12 13.87 10.66
C ARG A 261 0.23 13.25 12.07
N ASP A 262 0.05 11.94 12.19
CA ASP A 262 0.22 11.22 13.47
C ASP A 262 1.56 11.55 14.13
N PHE A 263 2.59 11.65 13.30
CA PHE A 263 3.96 11.85 13.77
C PHE A 263 4.14 13.08 14.67
N SER A 264 3.51 14.19 14.29
CA SER A 264 3.72 15.45 15.00
C SER A 264 2.46 16.16 15.49
N ALA A 265 1.27 15.62 15.18
CA ALA A 265 0.01 16.22 15.66
C ALA A 265 0.00 16.54 17.17
N HIS A 266 0.60 15.66 17.95
CA HIS A 266 0.65 15.86 19.41
C HIS A 266 2.02 16.22 19.95
N ASP A 267 2.92 16.65 19.07
CA ASP A 267 4.30 16.90 19.52
C ASP A 267 4.51 18.37 19.88
N GLY A 268 4.44 18.68 21.17
CA GLY A 268 4.60 20.06 21.66
C GLY A 268 6.02 20.61 21.55
N THR A 269 6.98 19.77 21.15
CA THR A 269 8.36 20.21 20.93
C THR A 269 8.57 20.69 19.48
N VAL A 270 7.52 20.58 18.67
CA VAL A 270 7.49 21.05 17.28
C VAL A 270 6.67 22.34 17.23
N ASP A 271 7.08 23.30 16.40
CA ASP A 271 6.34 24.56 16.26
C ASP A 271 4.98 24.37 15.55
N SER A 272 4.02 25.23 15.91
CA SER A 272 2.62 25.14 15.48
C SER A 272 2.36 25.19 13.96
N ASP A 273 3.29 25.76 13.21
CA ASP A 273 3.13 25.85 11.76
C ASP A 273 3.63 24.58 11.06
N SER A 274 4.54 23.87 11.72
CA SER A 274 5.10 22.64 11.18
C SER A 274 4.30 21.41 11.57
N ARG A 275 3.65 21.46 12.75
CA ARG A 275 2.92 20.30 13.31
C ARG A 275 1.97 19.70 12.30
N GLY A 276 2.03 18.37 12.17
CA GLY A 276 1.14 17.62 11.29
C GLY A 276 1.55 17.55 9.82
N GLY A 277 2.68 18.15 9.47
CA GLY A 277 3.08 18.21 8.06
C GLY A 277 4.50 17.78 7.75
N PHE A 278 4.92 18.01 6.50
CA PHE A 278 6.27 17.66 6.03
C PHE A 278 7.36 18.33 6.86
N ARG A 279 7.14 19.59 7.24
CA ARG A 279 8.18 20.37 7.92
C ARG A 279 8.58 19.85 9.29
N ALA A 280 7.70 19.08 9.92
CA ALA A 280 7.99 18.58 11.26
C ALA A 280 9.12 17.55 11.26
N PHE A 281 9.44 17.01 10.09
CA PHE A 281 10.57 16.11 9.95
C PHE A 281 11.91 16.86 9.88
N ALA A 282 11.88 18.12 9.44
CA ALA A 282 13.11 18.93 9.33
C ALA A 282 13.47 19.56 10.66
N TYR A 283 12.59 19.37 11.66
CA TYR A 283 12.76 19.77 13.06
C TYR A 283 13.55 18.76 13.86
N GLN A 284 14.86 18.73 13.64
CA GLN A 284 15.74 17.73 14.25
C GLN A 284 15.76 17.75 15.78
N ALA A 285 15.24 18.82 16.38
CA ALA A 285 15.31 19.03 17.84
C ALA A 285 14.08 18.53 18.62
N SER A 286 13.20 17.79 17.97
CA SER A 286 11.92 17.40 18.57
C SER A 286 11.97 16.00 19.19
N ALA A 287 10.98 15.70 20.04
CA ALA A 287 10.84 14.39 20.63
C ALA A 287 10.58 13.33 19.54
N GLY A 288 9.80 13.69 18.52
CA GLY A 288 9.52 12.77 17.41
C GLY A 288 10.73 12.39 16.60
N MET A 289 11.54 13.40 16.24
CA MET A 289 12.76 13.12 15.48
C MET A 289 13.81 12.41 16.33
N GLU A 290 13.87 12.70 17.63
CA GLU A 290 14.76 11.95 18.53
C GLU A 290 14.36 10.47 18.63
N HIS A 291 13.05 10.23 18.58
CA HIS A 291 12.53 8.88 18.59
C HIS A 291 12.97 8.13 17.34
N LEU A 292 12.78 8.73 16.16
CA LEU A 292 13.23 8.11 14.90
C LEU A 292 14.74 7.93 14.84
N ARG A 293 15.48 8.92 15.34
CA ARG A 293 16.93 8.81 15.42
C ARG A 293 17.35 7.61 16.25
N LYS A 294 16.64 7.37 17.35
CA LYS A 294 16.92 6.23 18.23
C LYS A 294 16.73 4.91 17.48
N LEU A 295 15.60 4.77 16.78
CA LEU A 295 15.32 3.54 16.02
C LEU A 295 16.31 3.39 14.86
N SER A 296 16.57 4.48 14.15
CA SER A 296 17.53 4.50 13.05
C SER A 296 18.94 4.10 13.48
N ASP A 297 19.39 4.64 14.62
CA ASP A 297 20.70 4.27 15.20
C ASP A 297 20.77 2.80 15.59
N ALA A 298 19.68 2.26 16.12
CA ALA A 298 19.60 0.84 16.46
C ALA A 298 19.64 -0.06 15.22
N GLY A 299 19.34 0.51 14.05
CA GLY A 299 19.42 -0.27 12.79
C GLY A 299 18.29 -0.09 11.80
N LEU A 300 17.19 0.57 12.19
CA LEU A 300 16.06 0.80 11.27
C LEU A 300 16.55 1.47 9.99
N THR A 301 16.15 0.96 8.83
CA THR A 301 16.66 1.50 7.58
C THR A 301 15.64 2.31 6.77
N HIS A 302 14.35 1.99 6.89
CA HIS A 302 13.34 2.64 6.05
C HIS A 302 12.12 3.10 6.83
N VAL A 303 11.64 4.29 6.53
CA VAL A 303 10.33 4.76 6.98
C VAL A 303 9.33 4.77 5.81
N HIS A 304 8.21 4.10 6.00
CA HIS A 304 7.15 4.04 5.01
C HIS A 304 6.10 5.03 5.43
N LEU A 305 5.95 6.09 4.64
CA LEU A 305 4.97 7.14 4.92
C LEU A 305 3.62 6.86 4.26
N LEU A 306 2.54 7.00 5.02
CA LEU A 306 1.19 6.90 4.43
C LEU A 306 0.96 7.94 3.33
N PRO A 307 -0.11 7.76 2.50
CA PRO A 307 -0.25 8.60 1.31
C PRO A 307 0.09 10.10 1.49
N SER A 308 0.98 10.61 0.64
CA SER A 308 1.52 11.97 0.80
C SER A 308 1.36 12.79 -0.49
N PHE A 309 0.64 12.23 -1.47
CA PHE A 309 0.32 12.89 -2.74
C PHE A 309 -1.05 13.58 -2.60
N HIS A 310 -1.52 14.19 -3.68
CA HIS A 310 -2.80 14.90 -3.65
C HIS A 310 -3.99 13.98 -3.53
N PHE A 311 -4.49 13.86 -2.30
CA PHE A 311 -5.71 13.11 -2.03
C PHE A 311 -6.91 13.94 -1.56
N ALA A 312 -8.11 13.39 -1.74
CA ALA A 312 -9.35 14.02 -1.26
C ALA A 312 -9.65 13.70 0.21
N GLY A 313 -10.39 14.57 0.88
CA GLY A 313 -10.92 14.25 2.21
C GLY A 313 -10.34 15.10 3.31
N VAL A 314 -9.29 15.87 3.00
CA VAL A 314 -8.75 16.89 3.91
C VAL A 314 -8.60 18.18 3.12
N ASP A 315 -9.14 19.28 3.66
CA ASP A 315 -9.00 20.61 3.05
C ASP A 315 -7.54 21.05 3.18
N ASP A 316 -6.98 21.54 2.08
CA ASP A 316 -5.63 22.09 2.08
C ASP A 316 -5.54 23.41 2.84
N ILE A 317 -6.70 24.06 3.01
CA ILE A 317 -6.80 25.36 3.67
C ILE A 317 -7.01 25.15 5.18
N LYS A 318 -5.91 25.34 5.92
CA LYS A 318 -5.88 25.05 7.35
C LYS A 318 -6.94 25.81 8.16
N SER A 319 -7.31 26.98 7.68
N SER A 319 -7.30 27.00 7.70
CA SER A 319 -8.30 27.83 8.37
CA SER A 319 -8.29 27.82 8.42
C SER A 319 -9.73 27.31 8.23
C SER A 319 -9.69 27.19 8.36
N ASN A 320 -9.91 26.29 7.39
CA ASN A 320 -11.19 25.58 7.28
C ASN A 320 -11.34 24.38 8.21
N TRP A 321 -10.24 23.99 8.86
CA TRP A 321 -10.23 22.80 9.73
C TRP A 321 -11.04 22.96 10.99
N LYS A 322 -11.74 21.88 11.36
CA LYS A 322 -12.46 21.76 12.63
C LYS A 322 -11.73 20.78 13.55
N PHE A 323 -11.70 21.08 14.85
CA PHE A 323 -11.04 20.26 15.88
C PHE A 323 -12.00 19.96 17.04
N VAL A 324 -11.76 18.86 17.74
CA VAL A 324 -12.39 18.62 19.04
C VAL A 324 -11.54 19.30 20.11
N ASP A 325 -12.07 19.39 21.31
CA ASP A 325 -11.32 19.86 22.47
C ASP A 325 -10.79 18.63 23.21
N GLU A 326 -9.49 18.38 23.09
CA GLU A 326 -8.86 17.23 23.75
C GLU A 326 -8.92 17.28 25.28
N CYS A 327 -8.84 18.48 25.85
CA CYS A 327 -8.93 18.66 27.31
C CYS A 327 -10.30 18.22 27.84
N GLU A 328 -11.34 18.52 27.07
CA GLU A 328 -12.69 18.07 27.39
C GLU A 328 -12.84 16.56 27.21
N LEU A 329 -12.48 16.05 26.03
CA LEU A 329 -12.57 14.61 25.74
C LEU A 329 -11.84 13.75 26.77
N ALA A 330 -10.79 14.31 27.38
CA ALA A 330 -10.02 13.59 28.39
C ALA A 330 -10.77 13.35 29.70
N THR A 331 -11.90 14.05 29.88
CA THR A 331 -12.71 13.94 31.11
C THR A 331 -13.85 12.92 31.01
N PHE A 332 -14.16 12.49 29.78
CA PHE A 332 -15.22 11.50 29.56
C PHE A 332 -14.71 10.12 30.00
N PRO A 333 -15.63 9.21 30.40
CA PRO A 333 -15.18 7.87 30.81
C PRO A 333 -14.49 7.08 29.69
N PRO A 334 -13.56 6.16 30.05
CA PRO A 334 -12.75 5.41 29.08
C PRO A 334 -13.57 4.52 28.12
N GLY A 335 -14.73 4.05 28.59
CA GLY A 335 -15.61 3.20 27.78
C GLY A 335 -16.87 3.89 27.28
N SER A 336 -16.89 5.21 27.37
CA SER A 336 -18.01 6.01 26.86
C SER A 336 -18.01 6.07 25.34
N ASP A 337 -19.18 6.36 24.77
CA ASP A 337 -19.34 6.57 23.33
C ASP A 337 -19.36 8.06 22.95
N MET A 338 -19.07 8.93 23.91
CA MET A 338 -19.11 10.38 23.68
C MET A 338 -17.92 10.93 22.89
N GLN A 339 -16.73 10.38 23.13
CA GLN A 339 -15.54 10.83 22.40
C GLN A 339 -15.72 10.60 20.91
N GLN A 340 -16.13 9.40 20.52
CA GLN A 340 -16.37 9.10 19.10
C GLN A 340 -17.49 9.96 18.48
N ALA A 341 -18.57 10.21 19.24
CA ALA A 341 -19.64 11.08 18.76
C ALA A 341 -19.10 12.47 18.35
N ALA A 342 -18.27 13.05 19.22
CA ALA A 342 -17.62 14.34 18.97
C ALA A 342 -16.70 14.33 17.72
N VAL A 343 -15.89 13.28 17.59
CA VAL A 343 -15.00 13.10 16.42
C VAL A 343 -15.82 12.92 15.13
N VAL A 344 -16.84 12.07 15.16
CA VAL A 344 -17.63 11.77 13.96
C VAL A 344 -18.39 13.00 13.47
N ALA A 345 -18.81 13.84 14.42
CA ALA A 345 -19.50 15.11 14.11
C ALA A 345 -18.67 16.06 13.23
N ILE A 346 -17.34 16.00 13.32
CA ILE A 346 -16.47 16.87 12.51
C ILE A 346 -15.50 16.13 11.57
N GLN A 347 -15.61 14.80 11.51
CA GLN A 347 -14.62 13.99 10.78
C GLN A 347 -14.49 14.33 9.29
N GLU A 348 -15.55 14.87 8.67
CA GLU A 348 -15.48 15.25 7.26
C GLU A 348 -14.77 16.60 7.04
N GLU A 349 -14.50 17.31 8.13
CA GLU A 349 -14.00 18.68 8.04
C GLU A 349 -12.78 18.90 8.93
N ASP A 350 -12.26 17.82 9.49
CA ASP A 350 -11.10 17.90 10.37
C ASP A 350 -9.81 17.76 9.54
N PRO A 351 -8.63 17.84 10.20
CA PRO A 351 -7.40 17.81 9.41
C PRO A 351 -6.94 16.39 9.03
N TYR A 352 -7.76 15.37 9.29
CA TYR A 352 -7.28 13.99 9.34
C TYR A 352 -7.84 13.05 8.28
N ASN A 353 -6.96 12.34 7.59
CA ASN A 353 -7.33 11.14 6.82
C ASN A 353 -6.08 10.36 6.45
N TRP A 354 -6.16 9.04 6.39
CA TRP A 354 -5.02 8.23 5.93
C TRP A 354 -4.58 8.67 4.59
N GLY A 355 -5.54 9.04 3.74
CA GLY A 355 -5.23 9.57 2.43
C GLY A 355 -5.37 8.61 1.26
N TYR A 356 -6.03 7.46 1.47
CA TYR A 356 -6.25 6.49 0.40
C TYR A 356 -7.34 6.90 -0.60
N ASN A 357 -7.35 8.19 -0.99
CA ASN A 357 -8.38 8.82 -1.87
C ASN A 357 -7.78 9.64 -3.02
N PRO A 358 -7.12 8.99 -4.00
CA PRO A 358 -6.28 9.70 -4.97
C PRO A 358 -7.02 10.64 -5.90
N VAL A 359 -6.48 11.84 -6.05
CA VAL A 359 -6.94 12.80 -7.05
C VAL A 359 -5.85 12.99 -8.11
N LEU A 360 -4.66 13.49 -7.70
CA LEU A 360 -3.50 13.54 -8.59
C LEU A 360 -2.25 12.93 -7.93
N TRP A 361 -1.62 11.99 -8.62
CA TRP A 361 -0.57 11.21 -8.00
C TRP A 361 0.73 11.97 -7.89
N GLY A 362 0.94 12.97 -8.74
CA GLY A 362 2.28 13.56 -8.95
C GLY A 362 2.67 14.73 -8.07
N VAL A 363 1.77 15.14 -7.17
CA VAL A 363 1.90 16.40 -6.43
C VAL A 363 1.81 16.11 -4.93
N PRO A 364 2.71 16.70 -4.11
CA PRO A 364 2.56 16.53 -2.66
C PRO A 364 1.23 17.09 -2.13
N LYS A 365 0.73 16.49 -1.05
CA LYS A 365 -0.49 16.93 -0.38
C LYS A 365 -0.37 18.33 0.25
N GLY A 366 -1.27 19.23 -0.15
CA GLY A 366 -1.23 20.64 0.29
C GLY A 366 -1.42 20.84 1.79
N SER A 367 -2.26 20.01 2.40
CA SER A 367 -2.56 20.11 3.82
C SER A 367 -1.35 19.79 4.70
N TYR A 368 -0.33 19.15 4.12
CA TYR A 368 0.89 18.78 4.84
C TYR A 368 1.98 19.83 4.62
N ALA A 369 1.66 20.86 3.84
CA ALA A 369 2.55 21.99 3.57
C ALA A 369 2.15 23.18 4.43
N SER A 370 3.09 24.08 4.69
CA SER A 370 2.82 25.30 5.47
C SER A 370 1.94 26.29 4.70
N ASP A 371 2.06 26.28 3.37
CA ASP A 371 1.20 27.10 2.51
C ASP A 371 0.81 26.24 1.30
N PRO A 372 -0.50 26.01 1.08
CA PRO A 372 -0.98 25.15 -0.02
C PRO A 372 -0.90 25.80 -1.40
N ASP A 373 -0.63 27.10 -1.45
CA ASP A 373 -0.32 27.80 -2.72
C ASP A 373 1.17 28.04 -2.84
N GLY A 374 1.68 28.12 -4.06
CA GLY A 374 3.10 28.43 -4.29
C GLY A 374 4.04 27.24 -4.13
N PRO A 375 5.34 27.52 -3.87
CA PRO A 375 6.40 26.50 -3.89
C PRO A 375 6.55 25.65 -2.62
N SER A 376 5.90 26.03 -1.52
CA SER A 376 6.16 25.38 -0.22
C SER A 376 5.94 23.85 -0.22
N ARG A 377 4.90 23.36 -0.91
CA ARG A 377 4.63 21.92 -0.91
C ARG A 377 5.76 21.10 -1.53
N ILE A 378 6.36 21.63 -2.61
CA ILE A 378 7.53 21.02 -3.26
C ILE A 378 8.76 21.09 -2.36
N ILE A 379 9.12 22.30 -1.91
CA ILE A 379 10.32 22.51 -1.09
C ILE A 379 10.27 21.69 0.20
N GLU A 380 9.12 21.68 0.86
CA GLU A 380 8.99 21.03 2.16
C GLU A 380 8.99 19.50 2.07
N TYR A 381 8.46 18.96 0.98
CA TYR A 381 8.53 17.53 0.76
C TYR A 381 9.99 17.10 0.58
N ARG A 382 10.73 17.86 -0.22
CA ARG A 382 12.16 17.61 -0.40
C ARG A 382 12.92 17.76 0.92
N GLN A 383 12.59 18.79 1.68
CA GLN A 383 13.19 18.98 3.01
C GLN A 383 12.98 17.79 3.93
N MET A 384 11.76 17.23 3.90
CA MET A 384 11.45 16.00 4.64
C MET A 384 12.29 14.79 4.22
N VAL A 385 12.43 14.58 2.91
CA VAL A 385 13.19 13.44 2.43
C VAL A 385 14.66 13.59 2.83
N GLN A 386 15.19 14.80 2.67
CA GLN A 386 16.58 15.09 3.03
C GLN A 386 16.83 14.86 4.54
N ALA A 387 15.92 15.37 5.37
CA ALA A 387 16.02 15.28 6.83
C ALA A 387 16.00 13.83 7.31
N LEU A 388 15.11 13.03 6.72
CA LEU A 388 15.06 11.60 7.05
C LEU A 388 16.35 10.86 6.65
N ASN A 389 16.76 11.03 5.40
CA ASN A 389 18.06 10.50 4.91
C ASN A 389 19.22 10.87 5.84
N ARG A 390 19.22 12.11 6.33
CA ARG A 390 20.29 12.59 7.21
C ARG A 390 20.37 11.91 8.59
N ILE A 391 19.25 11.42 9.10
CA ILE A 391 19.29 10.63 10.33
C ILE A 391 19.37 9.11 10.09
N GLY A 392 19.71 8.72 8.86
CA GLY A 392 19.95 7.33 8.52
C GLY A 392 18.74 6.52 8.06
N LEU A 393 17.70 7.22 7.62
CA LEU A 393 16.49 6.58 7.17
C LEU A 393 16.16 6.87 5.70
N ARG A 394 15.96 5.80 4.93
CA ARG A 394 15.49 5.91 3.57
C ARG A 394 13.95 6.01 3.56
N VAL A 395 13.39 6.61 2.52
CA VAL A 395 11.98 7.00 2.55
C VAL A 395 11.17 6.23 1.51
N VAL A 396 10.12 5.56 1.97
CA VAL A 396 9.21 4.81 1.12
C VAL A 396 7.87 5.54 1.05
N MET A 397 7.38 5.71 -0.17
CA MET A 397 6.04 6.24 -0.38
C MET A 397 4.98 5.15 -0.54
N ASP A 398 3.86 5.35 0.13
CA ASP A 398 2.68 4.52 -0.03
C ASP A 398 1.97 5.03 -1.29
N VAL A 399 1.99 4.26 -2.36
CA VAL A 399 1.37 4.68 -3.61
C VAL A 399 0.09 3.90 -3.85
N VAL A 400 -0.89 4.59 -4.42
CA VAL A 400 -2.28 4.11 -4.45
C VAL A 400 -2.74 4.25 -5.91
N TYR A 401 -2.27 3.35 -6.76
CA TYR A 401 -2.58 3.42 -8.20
C TYR A 401 -3.82 2.61 -8.60
N ASN A 402 -4.40 1.91 -7.63
CA ASN A 402 -5.52 0.98 -7.84
C ASN A 402 -6.93 1.57 -7.94
N HIS A 403 -7.10 2.83 -7.59
CA HIS A 403 -8.42 3.47 -7.64
C HIS A 403 -8.34 4.95 -7.53
N LEU A 404 -9.41 5.62 -7.92
CA LEU A 404 -9.55 7.08 -7.84
C LEU A 404 -10.63 7.51 -6.86
N ASP A 405 -10.45 8.67 -6.25
CA ASP A 405 -11.45 9.18 -5.32
C ASP A 405 -12.79 9.40 -6.01
N SER A 406 -12.77 9.87 -7.25
CA SER A 406 -13.97 10.33 -7.93
C SER A 406 -13.92 10.00 -9.41
N SER A 407 -15.08 9.98 -10.03
CA SER A 407 -15.20 9.84 -11.46
C SER A 407 -16.31 10.77 -11.90
N GLY A 408 -16.51 10.87 -13.20
CA GLY A 408 -17.56 11.74 -13.73
C GLY A 408 -17.14 13.19 -13.92
N PRO A 409 -18.05 14.00 -14.48
CA PRO A 409 -17.77 15.39 -14.86
C PRO A 409 -17.80 16.42 -13.72
N CYS A 410 -18.46 16.09 -12.62
CA CYS A 410 -18.65 17.05 -11.54
C CYS A 410 -17.57 16.96 -10.46
N GLY A 411 -17.06 18.11 -10.05
CA GLY A 411 -16.25 18.19 -8.85
C GLY A 411 -14.76 18.43 -9.00
N ILE A 412 -14.23 19.10 -7.97
CA ILE A 412 -12.81 19.38 -7.82
C ILE A 412 -11.96 18.10 -7.68
N SER A 413 -12.57 17.03 -7.17
CA SER A 413 -11.83 15.79 -6.89
C SER A 413 -11.77 14.78 -8.05
N SER A 414 -12.45 15.08 -9.16
CA SER A 414 -12.35 14.24 -10.35
C SER A 414 -11.50 14.92 -11.40
N VAL A 415 -10.41 14.25 -11.81
CA VAL A 415 -9.55 14.75 -12.88
C VAL A 415 -9.53 13.80 -14.07
N LEU A 416 -9.01 12.60 -13.85
CA LEU A 416 -8.79 11.65 -14.95
C LEU A 416 -10.05 11.31 -15.73
N ASP A 417 -11.12 10.98 -15.01
CA ASP A 417 -12.38 10.56 -15.62
C ASP A 417 -13.15 11.73 -16.22
N LYS A 418 -12.80 12.94 -15.82
CA LYS A 418 -13.39 14.14 -16.41
C LYS A 418 -12.84 14.36 -17.82
N ILE A 419 -11.55 14.05 -18.01
CA ILE A 419 -10.85 14.31 -19.28
C ILE A 419 -11.10 13.21 -20.33
N VAL A 420 -10.98 11.96 -19.92
CA VAL A 420 -11.24 10.82 -20.82
C VAL A 420 -12.23 9.86 -20.15
N PRO A 421 -13.52 10.20 -20.18
CA PRO A 421 -14.54 9.41 -19.49
C PRO A 421 -14.49 7.95 -19.93
N GLY A 422 -14.58 7.04 -18.97
CA GLY A 422 -14.63 5.61 -19.24
C GLY A 422 -13.31 4.91 -19.55
N TYR A 423 -12.19 5.61 -19.44
CA TYR A 423 -10.91 5.02 -19.87
C TYR A 423 -9.99 4.60 -18.72
N TYR A 424 -9.73 5.55 -17.82
CA TYR A 424 -8.80 5.32 -16.70
C TYR A 424 -9.38 4.39 -15.65
N VAL A 425 -10.71 4.28 -15.58
CA VAL A 425 -11.37 3.41 -14.62
C VAL A 425 -11.72 2.05 -15.25
N ARG A 426 -11.62 0.98 -14.46
CA ARG A 426 -11.98 -0.35 -14.89
C ARG A 426 -13.51 -0.46 -14.82
N ARG A 427 -14.11 -1.15 -15.78
CA ARG A 427 -15.56 -1.34 -15.83
C ARG A 427 -15.94 -2.80 -15.95
N ASP A 428 -17.12 -3.18 -15.47
CA ASP A 428 -17.61 -4.55 -15.66
C ASP A 428 -18.17 -4.74 -17.06
N THR A 429 -18.71 -5.93 -17.32
CA THR A 429 -19.15 -6.29 -18.66
C THR A 429 -20.46 -5.60 -19.08
N ASN A 430 -21.14 -4.94 -18.13
CA ASN A 430 -22.31 -4.10 -18.46
C ASN A 430 -22.00 -2.61 -18.58
N GLY A 431 -20.73 -2.26 -18.36
CA GLY A 431 -20.28 -0.88 -18.48
C GLY A 431 -20.24 -0.09 -17.19
N GLN A 432 -20.59 -0.71 -16.07
CA GLN A 432 -20.55 0.01 -14.80
C GLN A 432 -19.14 -0.03 -14.17
N ILE A 433 -18.77 1.05 -13.48
CA ILE A 433 -17.46 1.18 -12.86
C ILE A 433 -17.28 0.09 -11.81
N GLU A 434 -16.10 -0.54 -11.81
CA GLU A 434 -15.71 -1.50 -10.77
C GLU A 434 -15.29 -0.76 -9.49
N ASN A 435 -15.81 -1.19 -8.35
CA ASN A 435 -15.56 -0.52 -7.07
C ASN A 435 -14.86 -1.37 -6.00
N SER A 436 -14.39 -2.57 -6.36
CA SER A 436 -13.85 -3.52 -5.36
C SER A 436 -12.67 -2.98 -4.52
N ALA A 437 -11.88 -2.08 -5.09
CA ALA A 437 -10.77 -1.49 -4.34
C ALA A 437 -11.27 -0.54 -3.25
N ALA A 438 -12.36 0.15 -3.55
CA ALA A 438 -13.03 1.08 -2.64
C ALA A 438 -14.12 1.76 -3.45
N MET A 439 -13.72 2.32 -4.59
CA MET A 439 -14.59 3.00 -5.53
C MET A 439 -13.67 3.38 -6.68
N ASN A 440 -14.21 3.41 -7.89
CA ASN A 440 -13.47 3.88 -9.07
C ASN A 440 -12.11 3.18 -9.29
N ASN A 441 -12.13 1.85 -9.37
CA ASN A 441 -10.95 1.06 -9.69
C ASN A 441 -10.30 1.55 -10.97
N THR A 442 -8.98 1.71 -10.95
CA THR A 442 -8.26 2.04 -12.18
C THR A 442 -8.08 0.80 -13.03
N ALA A 443 -7.76 1.03 -14.32
CA ALA A 443 -7.47 -0.05 -15.25
C ALA A 443 -6.02 0.00 -15.79
N SER A 444 -5.06 -0.51 -15.00
CA SER A 444 -3.65 -0.53 -15.43
C SER A 444 -3.39 -1.33 -16.70
N GLU A 445 -4.31 -2.23 -17.04
CA GLU A 445 -4.30 -2.94 -18.32
C GLU A 445 -4.43 -2.00 -19.54
N HIS A 446 -4.86 -0.76 -19.32
CA HIS A 446 -4.96 0.23 -20.43
C HIS A 446 -3.67 1.01 -20.55
N PHE A 447 -3.22 1.19 -21.79
CA PHE A 447 -1.88 1.71 -22.11
C PHE A 447 -1.53 3.00 -21.36
N MET A 448 -2.41 4.00 -21.43
CA MET A 448 -2.12 5.29 -20.83
C MET A 448 -2.20 5.29 -19.31
N VAL A 449 -2.91 4.32 -18.73
CA VAL A 449 -2.90 4.15 -17.27
C VAL A 449 -1.55 3.59 -16.82
N ASP A 450 -1.11 2.54 -17.52
CA ASP A 450 0.21 1.94 -17.30
C ASP A 450 1.28 3.02 -17.40
N ARG A 451 1.18 3.85 -18.45
CA ARG A 451 2.12 4.94 -18.63
C ARG A 451 2.10 5.94 -17.48
N LEU A 452 0.90 6.34 -17.05
CA LEU A 452 0.80 7.35 -15.97
C LEU A 452 1.39 6.81 -14.65
N ILE A 453 1.18 5.52 -14.39
CA ILE A 453 1.69 4.92 -13.14
C ILE A 453 3.23 4.93 -13.13
N VAL A 454 3.82 4.44 -14.22
CA VAL A 454 5.28 4.41 -14.34
C VAL A 454 5.89 5.81 -14.36
N ASP A 455 5.25 6.74 -15.09
CA ASP A 455 5.71 8.14 -15.12
C ASP A 455 5.67 8.76 -13.72
N ASP A 456 4.62 8.44 -12.96
CA ASP A 456 4.50 8.98 -11.61
C ASP A 456 5.61 8.46 -10.67
N LEU A 457 5.87 7.16 -10.74
CA LEU A 457 6.98 6.53 -9.99
C LEU A 457 8.32 7.21 -10.28
N LEU A 458 8.60 7.44 -11.56
CA LEU A 458 9.82 8.14 -11.98
C LEU A 458 9.89 9.57 -11.45
N ASN A 459 8.74 10.26 -11.45
CA ASN A 459 8.62 11.61 -10.86
C ASN A 459 9.07 11.60 -9.40
N TRP A 460 8.51 10.70 -8.59
CA TRP A 460 8.90 10.64 -7.17
C TRP A 460 10.34 10.25 -6.98
N ALA A 461 10.81 9.26 -7.76
CA ALA A 461 12.21 8.85 -7.66
C ALA A 461 13.21 9.95 -8.02
N VAL A 462 12.98 10.66 -9.13
CA VAL A 462 13.94 11.65 -9.62
C VAL A 462 13.75 13.03 -8.99
N ASN A 463 12.52 13.52 -9.01
CA ASN A 463 12.22 14.85 -8.52
C ASN A 463 12.23 14.97 -7.00
N TYR A 464 12.02 13.87 -6.29
CA TYR A 464 11.94 13.90 -4.82
C TYR A 464 12.92 12.94 -4.16
N LYS A 465 13.67 12.19 -4.96
CA LYS A 465 14.70 11.25 -4.47
C LYS A 465 14.15 10.27 -3.42
N VAL A 466 12.93 9.79 -3.67
CA VAL A 466 12.30 8.77 -2.85
C VAL A 466 13.01 7.42 -3.01
N ASP A 467 13.12 6.67 -1.93
CA ASP A 467 13.98 5.49 -1.89
C ASP A 467 13.24 4.17 -2.11
N GLY A 468 11.91 4.22 -2.19
CA GLY A 468 11.12 2.99 -2.25
C GLY A 468 9.63 3.23 -2.40
N PHE A 469 8.90 2.20 -2.80
CA PHE A 469 7.45 2.33 -2.96
C PHE A 469 6.73 1.13 -2.41
N ARG A 470 5.64 1.41 -1.69
CA ARG A 470 4.71 0.38 -1.25
C ARG A 470 3.42 0.56 -2.02
N PHE A 471 3.01 -0.51 -2.69
CA PHE A 471 1.88 -0.46 -3.62
C PHE A 471 0.63 -0.98 -2.95
N ASP A 472 -0.29 -0.06 -2.67
CA ASP A 472 -1.60 -0.39 -2.14
C ASP A 472 -2.32 -1.28 -3.15
N LEU A 473 -2.93 -2.36 -2.67
CA LEU A 473 -3.69 -3.31 -3.54
C LEU A 473 -2.97 -3.61 -4.86
N MET A 474 -1.78 -4.16 -4.74
CA MET A 474 -0.91 -4.48 -5.87
C MET A 474 -1.57 -5.53 -6.76
N GLY A 475 -2.45 -6.33 -6.16
CA GLY A 475 -3.16 -7.37 -6.88
C GLY A 475 -4.14 -6.79 -7.90
N HIS A 476 -4.47 -5.51 -7.77
CA HIS A 476 -5.34 -4.83 -8.74
C HIS A 476 -4.54 -4.22 -9.86
N ILE A 477 -3.22 -4.28 -9.75
CA ILE A 477 -2.31 -3.74 -10.76
C ILE A 477 -1.82 -4.91 -11.60
N MET A 478 -1.73 -4.70 -12.91
CA MET A 478 -1.17 -5.71 -13.82
C MET A 478 0.30 -5.99 -13.49
N LYS A 479 0.67 -7.27 -13.52
CA LYS A 479 2.06 -7.65 -13.32
C LYS A 479 3.01 -6.93 -14.29
N ARG A 480 2.61 -6.80 -15.55
CA ARG A 480 3.49 -6.13 -16.54
C ARG A 480 3.79 -4.66 -16.21
N THR A 481 2.82 -3.99 -15.59
CA THR A 481 3.03 -2.64 -15.09
C THR A 481 4.08 -2.63 -13.98
N MET A 482 3.96 -3.57 -13.04
CA MET A 482 4.91 -3.68 -11.92
C MET A 482 6.34 -3.95 -12.44
N MET A 483 6.45 -4.91 -13.34
CA MET A 483 7.77 -5.28 -13.90
C MET A 483 8.41 -4.16 -14.71
N ARG A 484 7.63 -3.45 -15.53
CA ARG A 484 8.19 -2.32 -16.27
C ARG A 484 8.63 -1.17 -15.35
N ALA A 485 7.82 -0.87 -14.35
CA ALA A 485 8.20 0.09 -13.30
C ALA A 485 9.54 -0.31 -12.65
N LYS A 486 9.68 -1.58 -12.30
CA LYS A 486 10.90 -2.10 -11.71
C LYS A 486 12.12 -1.86 -12.62
N SER A 487 11.98 -2.22 -13.90
N SER A 487 12.00 -2.23 -13.90
CA SER A 487 13.02 -2.00 -14.91
CA SER A 487 13.10 -1.98 -14.85
C SER A 487 13.36 -0.52 -15.05
C SER A 487 13.38 -0.49 -15.05
N ALA A 488 12.34 0.33 -15.09
CA ALA A 488 12.50 1.76 -15.28
C ALA A 488 13.21 2.42 -14.11
N LEU A 489 12.77 2.12 -12.88
CA LEU A 489 13.36 2.69 -11.68
C LEU A 489 14.78 2.20 -11.42
N GLN A 490 15.01 0.90 -11.58
CA GLN A 490 16.28 0.32 -11.16
C GLN A 490 17.43 0.70 -12.11
N SER A 491 17.08 1.30 -13.25
CA SER A 491 18.05 1.77 -14.24
C SER A 491 18.41 3.27 -14.12
N LEU A 492 17.87 3.97 -13.12
CA LEU A 492 18.25 5.36 -12.86
C LEU A 492 19.64 5.39 -12.24
N THR A 493 20.46 6.36 -12.63
CA THR A 493 21.85 6.45 -12.17
C THR A 493 22.09 7.84 -11.58
N THR A 494 23.04 7.92 -10.66
CA THR A 494 23.36 9.19 -10.01
C THR A 494 23.88 10.22 -11.01
N ASP A 495 24.78 9.80 -11.90
CA ASP A 495 25.36 10.69 -12.92
C ASP A 495 24.30 11.31 -13.83
N ALA A 496 23.37 10.48 -14.28
CA ALA A 496 22.35 10.90 -15.27
C ALA A 496 21.05 11.44 -14.66
N HIS A 497 20.66 10.94 -13.49
CA HIS A 497 19.36 11.32 -12.88
C HIS A 497 19.45 11.82 -11.46
N GLY A 498 20.63 11.78 -10.85
CA GLY A 498 20.79 12.24 -9.48
C GLY A 498 20.45 11.24 -8.39
N VAL A 499 19.95 10.06 -8.77
CA VAL A 499 19.61 8.99 -7.82
C VAL A 499 20.10 7.62 -8.26
N ASP A 500 20.50 6.78 -7.31
CA ASP A 500 20.91 5.41 -7.60
C ASP A 500 19.70 4.48 -7.59
N GLY A 501 19.13 4.26 -8.77
CA GLY A 501 17.95 3.42 -8.92
C GLY A 501 18.11 1.98 -8.47
N SER A 502 19.33 1.47 -8.50
CA SER A 502 19.58 0.07 -8.13
C SER A 502 19.21 -0.20 -6.67
N LYS A 503 19.08 0.85 -5.86
CA LYS A 503 18.76 0.71 -4.44
C LYS A 503 17.28 0.96 -4.12
N ILE A 504 16.48 1.23 -5.13
CA ILE A 504 15.06 1.51 -4.93
C ILE A 504 14.32 0.18 -4.73
N TYR A 505 13.60 0.07 -3.61
CA TYR A 505 12.92 -1.18 -3.27
C TYR A 505 11.40 -1.06 -3.45
N LEU A 506 10.79 -2.10 -4.03
CA LEU A 506 9.35 -2.15 -4.27
C LEU A 506 8.70 -3.31 -3.52
N TYR A 507 7.55 -3.05 -2.92
CA TYR A 507 6.74 -4.10 -2.29
C TYR A 507 5.29 -3.68 -2.28
N GLY A 508 4.39 -4.65 -2.06
CA GLY A 508 2.96 -4.34 -2.03
C GLY A 508 2.06 -5.37 -1.39
N GLU A 509 0.77 -5.03 -1.33
CA GLU A 509 -0.26 -5.96 -0.89
C GLU A 509 -0.73 -6.74 -2.08
N GLY A 510 -0.31 -8.01 -2.19
CA GLY A 510 -0.64 -8.84 -3.34
C GLY A 510 -1.95 -9.58 -3.16
N TRP A 511 -2.96 -8.94 -2.57
CA TRP A 511 -4.24 -9.60 -2.28
C TRP A 511 -4.96 -9.87 -3.57
N ASP A 512 -5.53 -11.07 -3.71
CA ASP A 512 -6.16 -11.50 -4.97
C ASP A 512 -7.65 -11.69 -4.72
N PHE A 513 -8.46 -10.78 -5.25
CA PHE A 513 -9.90 -10.81 -4.98
C PHE A 513 -10.72 -10.07 -6.04
N ALA A 514 -12.04 -10.25 -5.96
CA ALA A 514 -12.99 -9.58 -6.85
C ALA A 514 -12.70 -9.77 -8.35
N GLU A 515 -12.86 -8.72 -9.16
CA GLU A 515 -12.79 -8.85 -10.63
C GLU A 515 -11.40 -9.19 -11.19
N VAL A 516 -10.34 -8.96 -10.41
CA VAL A 516 -8.98 -9.27 -10.84
C VAL A 516 -8.52 -10.68 -10.45
N ALA A 517 -9.30 -11.36 -9.61
CA ALA A 517 -8.91 -12.66 -9.05
C ALA A 517 -8.67 -13.67 -10.15
N ARG A 518 -7.69 -14.54 -9.92
CA ARG A 518 -7.35 -15.63 -10.86
C ARG A 518 -7.14 -15.17 -12.30
N ASN A 519 -6.39 -14.07 -12.45
CA ASN A 519 -5.93 -13.55 -13.75
C ASN A 519 -7.04 -13.19 -14.73
N GLN A 520 -8.23 -12.91 -14.21
CA GLN A 520 -9.39 -12.64 -15.04
C GLN A 520 -9.23 -11.44 -15.99
N ARG A 521 -8.54 -10.40 -15.52
CA ARG A 521 -8.28 -9.21 -16.33
C ARG A 521 -6.87 -9.21 -16.92
N GLY A 522 -6.14 -10.30 -16.72
CA GLY A 522 -4.74 -10.39 -17.11
C GLY A 522 -3.90 -10.84 -15.91
N ILE A 523 -2.62 -11.11 -16.14
CA ILE A 523 -1.79 -11.51 -15.02
C ILE A 523 -1.59 -10.30 -14.10
N ASN A 524 -2.16 -10.39 -12.91
CA ASN A 524 -2.20 -9.25 -11.97
C ASN A 524 -1.19 -9.45 -10.86
N GLY A 525 -0.95 -8.42 -10.05
CA GLY A 525 0.12 -8.46 -9.04
C GLY A 525 -0.22 -9.16 -7.74
N SER A 526 -0.84 -10.33 -7.83
CA SER A 526 -1.16 -11.16 -6.66
C SER A 526 0.10 -11.77 -6.04
N GLN A 527 0.03 -12.19 -4.77
CA GLN A 527 1.18 -12.81 -4.11
C GLN A 527 1.84 -13.91 -4.94
N LEU A 528 1.00 -14.80 -5.46
CA LEU A 528 1.48 -15.93 -6.23
C LEU A 528 2.11 -15.53 -7.56
N ASN A 529 1.55 -14.54 -8.25
CA ASN A 529 2.13 -14.08 -9.51
C ASN A 529 3.44 -13.33 -9.31
N MET A 530 3.64 -12.75 -8.14
CA MET A 530 4.83 -11.93 -7.88
C MET A 530 5.99 -12.74 -7.31
N SER A 531 5.80 -14.05 -7.13
CA SER A 531 6.90 -14.92 -6.73
C SER A 531 7.90 -14.94 -7.86
N GLY A 532 9.18 -14.73 -7.53
CA GLY A 532 10.22 -14.69 -8.53
C GLY A 532 10.34 -13.38 -9.29
N THR A 533 9.89 -12.26 -8.70
CA THR A 533 10.02 -10.94 -9.32
C THR A 533 10.99 -10.01 -8.59
N GLY A 534 11.36 -10.37 -7.36
CA GLY A 534 12.13 -9.46 -6.49
C GLY A 534 11.32 -8.32 -5.89
N ILE A 535 10.01 -8.36 -6.07
CA ILE A 535 9.11 -7.37 -5.47
C ILE A 535 8.46 -8.00 -4.23
N GLY A 536 8.52 -7.31 -3.10
CA GLY A 536 8.01 -7.86 -1.84
C GLY A 536 6.49 -7.87 -1.77
N SER A 537 5.94 -8.83 -1.05
CA SER A 537 4.52 -8.80 -0.71
C SER A 537 4.31 -9.12 0.76
N PHE A 538 3.26 -8.52 1.34
CA PHE A 538 2.98 -8.73 2.77
C PHE A 538 2.63 -10.18 3.04
N ASN A 539 3.27 -10.75 4.06
CA ASN A 539 2.99 -12.11 4.46
C ASN A 539 1.86 -12.17 5.51
N ASP A 540 0.62 -12.29 5.01
CA ASP A 540 -0.56 -12.43 5.86
C ASP A 540 -0.63 -13.74 6.65
N ARG A 541 0.05 -14.78 6.16
CA ARG A 541 0.09 -16.08 6.85
C ARG A 541 0.74 -15.94 8.24
N ILE A 542 1.90 -15.29 8.29
CA ILE A 542 2.59 -15.14 9.57
C ILE A 542 1.84 -14.19 10.52
N ARG A 543 1.21 -13.16 9.95
CA ARG A 543 0.36 -12.25 10.72
C ARG A 543 -0.80 -12.98 11.43
N ASP A 544 -1.55 -13.77 10.67
CA ASP A 544 -2.69 -14.49 11.22
C ASP A 544 -2.28 -15.60 12.19
N ALA A 545 -1.14 -16.24 11.93
CA ALA A 545 -0.68 -17.35 12.76
C ALA A 545 -0.21 -16.87 14.13
N ILE A 546 0.44 -15.71 14.14
CA ILE A 546 0.91 -15.13 15.39
C ILE A 546 -0.26 -14.53 16.21
N ASN A 547 -1.11 -13.75 15.57
CA ASN A 547 -2.18 -13.03 16.29
C ASN A 547 -3.41 -13.90 16.53
N GLY A 548 -3.70 -14.78 15.58
CA GLY A 548 -4.88 -15.63 15.67
C GLY A 548 -5.97 -15.11 14.76
N GLY A 549 -6.73 -16.02 14.16
CA GLY A 549 -7.90 -15.64 13.36
C GLY A 549 -7.54 -14.89 12.08
N ASN A 550 -8.31 -13.85 11.80
CA ASN A 550 -8.25 -13.16 10.53
C ASN A 550 -9.01 -11.84 10.71
N PRO A 551 -8.65 -10.79 9.94
CA PRO A 551 -9.43 -9.56 10.02
C PRO A 551 -10.93 -9.77 9.77
N PHE A 552 -11.29 -10.84 9.09
CA PHE A 552 -12.70 -11.16 8.81
C PHE A 552 -13.31 -12.19 9.78
N GLY A 553 -12.54 -12.64 10.77
CA GLY A 553 -13.00 -13.66 11.73
C GLY A 553 -13.46 -13.09 13.05
N ASN A 554 -13.86 -13.97 13.98
CA ASN A 554 -14.22 -13.54 15.33
C ASN A 554 -12.98 -12.92 15.98
N PRO A 555 -13.13 -11.73 16.58
CA PRO A 555 -12.03 -11.01 17.24
C PRO A 555 -11.39 -11.79 18.38
N LEU A 556 -12.11 -12.75 18.95
CA LEU A 556 -11.61 -13.52 20.10
C LEU A 556 -10.82 -14.80 19.74
N GLN A 557 -10.69 -15.09 18.44
CA GLN A 557 -9.91 -16.24 17.97
C GLN A 557 -8.42 -16.05 18.31
N GLN A 558 -7.87 -16.97 19.09
CA GLN A 558 -6.48 -16.88 19.54
C GLN A 558 -5.46 -17.48 18.57
N GLY A 559 -4.21 -17.02 18.68
CA GLY A 559 -3.12 -17.60 17.90
C GLY A 559 -1.90 -17.96 18.73
N PHE A 560 -0.80 -18.19 18.04
CA PHE A 560 0.43 -18.65 18.67
C PHE A 560 0.85 -17.72 19.80
N ASN A 561 0.76 -16.40 19.55
CA ASN A 561 1.22 -15.40 20.53
C ASN A 561 0.10 -14.73 21.33
N THR A 562 -1.12 -15.25 21.23
CA THR A 562 -2.24 -14.66 22.00
C THR A 562 -2.95 -15.68 22.89
N GLY A 563 -2.31 -16.83 23.12
CA GLY A 563 -2.75 -17.77 24.17
C GLY A 563 -3.51 -19.00 23.71
N LEU A 564 -3.60 -19.22 22.40
CA LEU A 564 -4.24 -20.43 21.88
C LEU A 564 -3.67 -21.66 22.60
N PHE A 565 -4.59 -22.47 23.15
CA PHE A 565 -4.30 -23.72 23.87
C PHE A 565 -3.62 -23.48 25.21
N LEU A 566 -2.53 -22.72 25.19
CA LEU A 566 -1.76 -22.46 26.41
C LEU A 566 -2.52 -21.63 27.44
N GLU A 567 -3.27 -20.64 26.98
CA GLU A 567 -3.90 -19.67 27.87
C GLU A 567 -5.28 -19.30 27.32
N PRO A 568 -6.25 -20.22 27.47
CA PRO A 568 -7.57 -20.03 26.85
C PRO A 568 -8.27 -18.79 27.41
N ASN A 569 -8.90 -18.02 26.52
CA ASN A 569 -9.57 -16.78 26.90
C ASN A 569 -11.05 -16.93 27.23
N GLY A 570 -11.60 -18.13 27.09
CA GLY A 570 -13.01 -18.36 27.44
C GLY A 570 -13.95 -18.36 26.25
N PHE A 571 -13.51 -17.78 25.14
CA PHE A 571 -14.22 -17.92 23.88
C PHE A 571 -13.96 -19.35 23.39
N TYR A 572 -15.02 -20.09 23.14
CA TYR A 572 -14.90 -21.51 22.78
C TYR A 572 -14.26 -21.71 21.39
N GLN A 573 -13.18 -22.49 21.36
CA GLN A 573 -12.43 -22.69 20.13
C GLN A 573 -12.09 -24.17 19.90
N GLY A 574 -12.95 -25.05 20.42
CA GLY A 574 -12.74 -26.49 20.34
C GLY A 574 -12.25 -27.04 21.67
N ASN A 575 -12.08 -28.35 21.75
CA ASN A 575 -11.50 -28.94 22.95
C ASN A 575 -9.98 -28.82 22.94
N GLU A 576 -9.33 -29.30 24.00
CA GLU A 576 -7.89 -29.24 24.15
C GLU A 576 -7.14 -29.81 22.94
N ALA A 577 -7.60 -30.94 22.41
CA ALA A 577 -6.95 -31.57 21.26
C ALA A 577 -7.05 -30.71 19.99
N ASP A 578 -8.21 -30.12 19.74
CA ASP A 578 -8.41 -29.20 18.60
C ASP A 578 -7.50 -27.95 18.69
N THR A 579 -7.50 -27.31 19.87
CA THR A 579 -6.73 -26.08 20.06
C THR A 579 -5.22 -26.32 20.02
N ARG A 580 -4.79 -27.47 20.56
CA ARG A 580 -3.37 -27.87 20.49
C ARG A 580 -2.90 -28.13 19.05
N ARG A 581 -3.74 -28.79 18.25
CA ARG A 581 -3.46 -29.04 16.83
C ARG A 581 -3.44 -27.72 16.05
N SER A 582 -4.34 -26.81 16.38
CA SER A 582 -4.37 -25.49 15.75
C SER A 582 -3.10 -24.70 16.09
N LEU A 583 -2.68 -24.77 17.35
CA LEU A 583 -1.41 -24.18 17.77
C LEU A 583 -0.20 -24.70 16.97
N ALA A 584 -0.11 -26.02 16.81
CA ALA A 584 1.01 -26.64 16.08
C ALA A 584 0.99 -26.28 14.58
N THR A 585 -0.22 -26.15 14.03
CA THR A 585 -0.36 -25.69 12.63
C THR A 585 0.14 -24.26 12.47
N TYR A 586 -0.29 -23.36 13.35
CA TYR A 586 0.23 -22.00 13.36
C TYR A 586 1.75 -21.98 13.55
N ALA A 587 2.29 -22.84 14.43
CA ALA A 587 3.74 -22.89 14.64
C ALA A 587 4.47 -23.22 13.33
N ASP A 588 3.94 -24.19 12.57
CA ASP A 588 4.53 -24.52 11.26
C ASP A 588 4.48 -23.32 10.30
N GLN A 589 3.35 -22.62 10.26
CA GLN A 589 3.18 -21.46 9.38
C GLN A 589 4.15 -20.34 9.74
N ILE A 590 4.36 -20.13 11.04
CA ILE A 590 5.30 -19.10 11.52
C ILE A 590 6.75 -19.43 11.15
N GLN A 591 7.10 -20.69 11.31
CA GLN A 591 8.44 -21.14 10.97
C GLN A 591 8.77 -20.99 9.48
N ILE A 592 7.82 -21.30 8.61
CA ILE A 592 8.00 -21.03 7.18
C ILE A 592 8.27 -19.52 6.96
N GLY A 593 7.45 -18.66 7.59
CA GLY A 593 7.62 -17.21 7.55
C GLY A 593 8.96 -16.71 8.08
N LEU A 594 9.42 -17.32 9.18
CA LEU A 594 10.72 -16.97 9.77
C LEU A 594 11.88 -17.33 8.84
N ALA A 595 11.69 -18.36 8.00
CA ALA A 595 12.70 -18.74 6.99
C ALA A 595 12.48 -18.05 5.63
N GLY A 596 11.85 -16.88 5.65
CA GLY A 596 11.73 -16.05 4.45
C GLY A 596 10.50 -16.34 3.61
N ASN A 597 9.60 -17.16 4.17
CA ASN A 597 8.37 -17.61 3.51
C ASN A 597 8.59 -18.19 2.10
N LEU A 598 9.65 -18.99 1.96
CA LEU A 598 10.06 -19.61 0.69
C LEU A 598 9.18 -20.79 0.30
N ARG A 599 8.88 -20.91 -0.99
CA ARG A 599 8.12 -22.04 -1.50
C ARG A 599 8.84 -23.39 -1.38
N ASP A 600 10.17 -23.38 -1.39
CA ASP A 600 10.97 -24.60 -1.48
C ASP A 600 11.78 -24.92 -0.20
N TYR A 601 11.67 -24.08 0.83
CA TYR A 601 12.28 -24.42 2.12
C TYR A 601 11.58 -25.64 2.72
N VAL A 602 12.36 -26.60 3.22
CA VAL A 602 11.80 -27.82 3.77
C VAL A 602 11.77 -27.78 5.29
N LEU A 603 10.59 -27.97 5.86
CA LEU A 603 10.42 -27.95 7.30
C LEU A 603 9.86 -29.31 7.75
N ILE A 604 10.35 -29.79 8.90
CA ILE A 604 9.70 -30.93 9.56
C ILE A 604 8.44 -30.37 10.22
N SER A 605 7.28 -30.82 9.75
CA SER A 605 6.03 -30.29 10.26
C SER A 605 5.66 -30.95 11.59
N HIS A 606 4.53 -30.54 12.16
CA HIS A 606 4.04 -31.06 13.42
C HIS A 606 3.57 -32.49 13.35
N THR A 607 3.30 -32.99 12.15
CA THR A 607 2.99 -34.42 11.97
C THR A 607 4.26 -35.29 11.94
N GLY A 608 5.43 -34.66 11.83
CA GLY A 608 6.69 -35.40 11.70
C GLY A 608 7.12 -35.54 10.24
N GLU A 609 6.28 -35.04 9.35
CA GLU A 609 6.51 -35.14 7.91
C GLU A 609 7.29 -33.93 7.40
N ALA A 610 8.28 -34.19 6.54
CA ALA A 610 9.04 -33.13 5.89
C ALA A 610 8.18 -32.51 4.78
N LYS A 611 8.01 -31.19 4.82
CA LYS A 611 7.20 -30.49 3.80
C LYS A 611 7.86 -29.21 3.32
N LYS A 612 7.74 -28.95 2.01
CA LYS A 612 8.14 -27.66 1.45
C LYS A 612 7.18 -26.58 1.93
N GLY A 613 7.65 -25.34 1.95
CA GLY A 613 6.83 -24.21 2.36
C GLY A 613 5.52 -24.10 1.58
N SER A 614 5.56 -24.42 0.28
CA SER A 614 4.36 -24.39 -0.57
C SER A 614 3.43 -25.59 -0.37
N GLU A 615 3.93 -26.62 0.31
CA GLU A 615 3.15 -27.84 0.60
C GLU A 615 2.40 -27.69 1.93
N ILE A 616 2.87 -26.80 2.79
CA ILE A 616 2.13 -26.41 3.99
C ILE A 616 1.01 -25.43 3.59
N HIS A 617 -0.20 -25.67 4.10
CA HIS A 617 -1.35 -24.89 3.69
C HIS A 617 -2.01 -24.15 4.81
N THR A 618 -2.70 -23.07 4.46
CA THR A 618 -3.54 -22.33 5.40
C THR A 618 -4.87 -23.08 5.61
N PHE A 619 -5.66 -22.65 6.60
CA PHE A 619 -7.00 -23.22 6.82
C PHE A 619 -7.90 -23.14 5.57
N ASP A 620 -7.70 -22.12 4.74
CA ASP A 620 -8.52 -21.94 3.54
C ASP A 620 -7.87 -22.48 2.26
N GLY A 621 -6.81 -23.28 2.41
CA GLY A 621 -6.26 -24.05 1.29
C GLY A 621 -5.18 -23.41 0.43
N LEU A 622 -4.61 -22.29 0.90
CA LEU A 622 -3.53 -21.61 0.18
C LEU A 622 -2.16 -22.09 0.65
N PRO A 623 -1.17 -22.15 -0.27
CA PRO A 623 0.21 -22.46 0.14
C PRO A 623 0.76 -21.36 1.05
N VAL A 624 1.41 -21.74 2.14
CA VAL A 624 1.91 -20.77 3.13
C VAL A 624 3.15 -20.05 2.61
N GLY A 625 4.17 -20.83 2.24
CA GLY A 625 5.37 -20.32 1.60
C GLY A 625 5.15 -20.18 0.10
N TYR A 626 5.51 -19.04 -0.47
CA TYR A 626 5.28 -18.81 -1.89
C TYR A 626 6.40 -18.08 -2.62
N THR A 627 7.38 -17.56 -1.88
CA THR A 627 8.43 -16.75 -2.48
C THR A 627 9.65 -17.53 -3.01
N ALA A 628 10.36 -16.88 -3.92
CA ALA A 628 11.61 -17.39 -4.48
C ALA A 628 12.82 -16.82 -3.74
N SER A 629 12.58 -15.84 -2.87
CA SER A 629 13.65 -15.12 -2.16
C SER A 629 13.12 -14.49 -0.87
N PRO A 630 13.96 -14.45 0.19
CA PRO A 630 13.54 -13.71 1.40
C PRO A 630 13.22 -12.22 1.13
N ILE A 631 13.82 -11.61 0.09
CA ILE A 631 13.50 -10.21 -0.23
C ILE A 631 12.09 -10.00 -0.84
N GLU A 632 11.40 -11.11 -1.12
CA GLU A 632 10.02 -11.07 -1.60
C GLU A 632 8.99 -11.17 -0.45
N THR A 633 9.47 -11.29 0.79
CA THR A 633 8.62 -11.44 1.95
C THR A 633 8.71 -10.24 2.89
N ILE A 634 7.56 -9.62 3.11
CA ILE A 634 7.41 -8.56 4.10
C ILE A 634 6.69 -9.21 5.29
N ASN A 635 7.43 -9.47 6.36
CA ASN A 635 6.85 -10.10 7.55
C ASN A 635 6.32 -9.04 8.50
N TYR A 636 5.07 -9.22 8.93
CA TYR A 636 4.42 -8.25 9.82
C TYR A 636 3.35 -8.89 10.70
N VAL A 637 3.02 -8.20 11.78
CA VAL A 637 1.95 -8.61 12.70
C VAL A 637 1.00 -7.45 12.97
N SER A 638 1.34 -6.28 12.44
CA SER A 638 0.57 -5.07 12.66
C SER A 638 0.86 -4.05 11.56
N ALA A 639 -0.08 -3.12 11.36
CA ALA A 639 0.00 -2.08 10.34
C ALA A 639 -1.12 -1.08 10.59
N HIS A 640 -1.21 -0.06 9.76
CA HIS A 640 -2.22 0.98 9.97
C HIS A 640 -3.60 0.39 9.91
N ASP A 641 -3.83 -0.58 9.03
CA ASP A 641 -5.16 -1.18 8.98
C ASP A 641 -5.31 -2.26 10.05
N ASN A 642 -6.54 -2.46 10.51
CA ASN A 642 -6.86 -3.37 11.63
C ASN A 642 -6.36 -2.86 12.98
N GLU A 643 -6.54 -3.66 14.03
CA GLU A 643 -6.19 -3.23 15.37
C GLU A 643 -4.67 -3.15 15.50
N THR A 644 -4.20 -2.22 16.31
CA THR A 644 -2.76 -2.16 16.61
C THR A 644 -2.31 -3.46 17.30
N LEU A 645 -1.00 -3.64 17.43
CA LEU A 645 -0.47 -4.81 18.13
C LEU A 645 -0.95 -4.84 19.59
N PHE A 646 -0.80 -3.73 20.30
CA PHE A 646 -1.24 -3.66 21.69
C PHE A 646 -2.73 -3.98 21.83
N ASP A 647 -3.56 -3.47 20.92
CA ASP A 647 -5.00 -3.66 21.00
C ASP A 647 -5.43 -5.08 20.66
N VAL A 648 -4.84 -5.69 19.64
CA VAL A 648 -5.14 -7.09 19.32
C VAL A 648 -4.78 -8.02 20.51
N ILE A 649 -3.62 -7.80 21.12
CA ILE A 649 -3.22 -8.60 22.28
C ILE A 649 -4.20 -8.40 23.45
N SER A 650 -4.60 -7.15 23.69
CA SER A 650 -5.55 -6.81 24.77
C SER A 650 -6.93 -7.44 24.56
N VAL A 651 -7.31 -7.64 23.30
CA VAL A 651 -8.59 -8.29 22.96
C VAL A 651 -8.49 -9.81 23.10
N LYS A 652 -7.41 -10.41 22.58
CA LYS A 652 -7.36 -11.86 22.43
C LYS A 652 -6.84 -12.64 23.65
N THR A 653 -5.97 -12.04 24.45
CA THR A 653 -5.40 -12.73 25.62
C THR A 653 -6.44 -12.80 26.74
N PRO A 654 -6.23 -13.70 27.72
CA PRO A 654 -7.22 -13.75 28.81
C PRO A 654 -7.29 -12.42 29.55
N MET A 655 -8.49 -12.00 29.92
CA MET A 655 -8.70 -10.76 30.65
C MET A 655 -7.90 -10.68 31.95
N ILE A 656 -7.58 -11.84 32.52
CA ILE A 656 -6.94 -11.93 33.82
C ILE A 656 -5.45 -11.50 33.82
N LEU A 657 -4.85 -11.45 32.64
CA LEU A 657 -3.43 -11.09 32.52
C LEU A 657 -3.19 -9.65 32.93
N SER A 658 -2.06 -9.39 33.56
CA SER A 658 -1.64 -8.03 33.87
C SER A 658 -1.09 -7.37 32.60
N VAL A 659 -1.09 -6.04 32.58
CA VAL A 659 -0.47 -5.31 31.48
C VAL A 659 1.04 -5.64 31.39
N ASP A 660 1.63 -6.02 32.52
CA ASP A 660 3.03 -6.42 32.56
C ASP A 660 3.27 -7.67 31.69
N GLU A 661 2.35 -8.63 31.78
CA GLU A 661 2.42 -9.83 30.96
C GLU A 661 2.16 -9.49 29.50
N ARG A 662 1.15 -8.66 29.23
CA ARG A 662 0.83 -8.28 27.85
C ARG A 662 1.96 -7.45 27.20
N CYS A 663 2.67 -6.66 28.00
CA CYS A 663 3.88 -5.95 27.52
C CYS A 663 4.93 -6.91 26.94
N ARG A 664 5.18 -8.02 27.63
CA ARG A 664 6.13 -9.03 27.13
C ARG A 664 5.61 -9.73 25.89
N ILE A 665 4.28 -9.89 25.82
CA ILE A 665 3.64 -10.51 24.64
C ILE A 665 3.80 -9.63 23.40
N ASN A 666 3.65 -8.32 23.60
CA ASN A 666 3.90 -7.33 22.53
C ASN A 666 5.33 -7.47 22.04
N HIS A 667 6.26 -7.56 22.99
CA HIS A 667 7.67 -7.68 22.64
C HIS A 667 7.98 -8.94 21.88
N LEU A 668 7.39 -10.07 22.28
CA LEU A 668 7.56 -11.33 21.55
C LEU A 668 7.12 -11.22 20.10
N ALA A 669 5.98 -10.58 19.87
CA ALA A 669 5.47 -10.42 18.50
C ALA A 669 6.40 -9.59 17.61
N SER A 670 6.86 -8.45 18.12
N SER A 670 6.74 -8.37 18.06
CA SER A 670 7.85 -7.66 17.39
CA SER A 670 7.59 -7.47 17.25
C SER A 670 9.22 -8.37 17.24
C SER A 670 8.91 -8.16 16.96
N SER A 671 9.64 -9.18 18.20
N SER A 671 9.38 -8.94 17.93
CA SER A 671 10.91 -9.90 18.08
CA SER A 671 10.70 -9.62 17.88
C SER A 671 10.84 -10.96 17.00
C SER A 671 10.74 -10.78 16.88
N MET A 672 9.67 -11.57 16.84
CA MET A 672 9.48 -12.58 15.80
C MET A 672 9.68 -11.96 14.42
N MET A 673 9.21 -10.71 14.24
CA MET A 673 9.45 -9.99 12.98
C MET A 673 10.92 -9.61 12.87
N ALA A 674 11.43 -8.96 13.91
CA ALA A 674 12.79 -8.40 13.92
C ALA A 674 13.91 -9.43 13.75
N LEU A 675 13.63 -10.70 14.05
CA LEU A 675 14.66 -11.74 13.95
C LEU A 675 14.34 -12.74 12.83
N SER A 676 13.38 -12.40 11.98
CA SER A 676 13.00 -13.29 10.88
C SER A 676 13.89 -13.06 9.66
N GLN A 677 13.99 -14.07 8.79
CA GLN A 677 14.58 -13.89 7.47
C GLN A 677 13.50 -13.20 6.65
N GLY A 678 13.87 -12.52 5.58
CA GLY A 678 12.90 -11.69 4.88
C GLY A 678 12.95 -10.29 5.47
N ILE A 679 11.95 -9.48 5.16
CA ILE A 679 11.98 -8.06 5.53
C ILE A 679 10.97 -7.73 6.64
N PRO A 680 11.46 -7.36 7.84
CA PRO A 680 10.56 -7.04 8.95
C PRO A 680 9.89 -5.68 8.71
N PHE A 681 8.60 -5.64 9.03
CA PHE A 681 7.76 -4.46 8.84
C PHE A 681 7.11 -4.17 10.19
N PHE A 682 7.33 -2.95 10.68
CA PHE A 682 6.80 -2.49 11.97
C PHE A 682 5.80 -1.33 11.82
N HIS A 683 4.66 -1.47 12.50
CA HIS A 683 3.70 -0.38 12.60
C HIS A 683 4.24 0.65 13.57
N ALA A 684 4.27 1.93 13.18
CA ALA A 684 4.72 3.01 14.09
C ALA A 684 3.95 2.91 15.41
N GLY A 685 4.65 2.73 16.52
CA GLY A 685 3.96 2.55 17.79
C GLY A 685 4.01 1.14 18.38
N ASP A 686 4.33 0.14 17.56
CA ASP A 686 4.58 -1.25 18.07
C ASP A 686 5.53 -1.19 19.28
N GLU A 687 6.53 -0.33 19.18
CA GLU A 687 7.63 -0.22 20.13
C GLU A 687 7.28 0.52 21.43
N ILE A 688 6.12 1.18 21.46
CA ILE A 688 5.67 1.94 22.62
C ILE A 688 4.21 1.65 22.97
N LEU A 689 3.74 0.44 22.63
CA LEU A 689 2.42 -0.06 23.08
C LEU A 689 1.24 0.77 22.56
N ARG A 690 1.43 1.39 21.40
CA ARG A 690 0.39 2.27 20.84
C ARG A 690 -0.96 1.57 20.74
N SER A 691 -1.98 2.30 21.17
CA SER A 691 -3.35 1.87 21.11
C SER A 691 -4.18 2.85 20.26
N LYS A 692 -5.26 2.37 19.67
CA LYS A 692 -6.25 3.24 19.05
C LYS A 692 -7.59 3.05 19.75
N SER A 693 -7.55 2.72 21.05
CA SER A 693 -8.77 2.43 21.81
C SER A 693 -9.54 1.32 21.10
N ILE A 694 -8.78 0.39 20.50
CA ILE A 694 -9.31 -0.79 19.78
C ILE A 694 -10.03 -0.48 18.45
N ASP A 695 -9.79 0.71 17.90
CA ASP A 695 -10.30 1.05 16.56
C ASP A 695 -9.71 0.11 15.51
N ARG A 696 -10.58 -0.57 14.76
CA ARG A 696 -10.10 -1.52 13.75
C ARG A 696 -9.91 -0.93 12.34
N ASP A 697 -10.39 0.30 12.14
CA ASP A 697 -10.23 0.97 10.83
C ASP A 697 -10.22 2.48 11.06
N SER A 698 -9.08 3.01 11.48
CA SER A 698 -9.02 4.37 12.05
C SER A 698 -8.81 5.46 10.99
N TYR A 699 -9.08 5.13 9.72
CA TYR A 699 -8.81 6.04 8.59
C TYR A 699 -9.38 7.46 8.72
N ASN A 700 -10.55 7.57 9.33
CA ASN A 700 -11.25 8.84 9.47
C ASN A 700 -11.57 9.14 10.94
N SER A 701 -10.78 8.56 11.85
CA SER A 701 -11.05 8.67 13.30
C SER A 701 -10.31 9.81 14.01
N GLY A 702 -9.69 10.70 13.22
CA GLY A 702 -9.04 11.91 13.71
C GLY A 702 -7.77 11.70 14.50
N ASP A 703 -7.18 12.81 14.94
CA ASP A 703 -6.03 12.82 15.82
C ASP A 703 -6.31 12.14 17.16
N TRP A 704 -7.58 12.18 17.60
CA TRP A 704 -7.94 11.65 18.93
C TRP A 704 -7.67 10.18 19.09
N PHE A 705 -8.18 9.38 18.15
CA PHE A 705 -7.98 7.93 18.19
C PHE A 705 -6.65 7.46 17.61
N ASN A 706 -5.97 8.32 16.87
CA ASN A 706 -4.69 7.98 16.23
C ASN A 706 -3.44 8.54 16.91
N LYS A 707 -3.61 9.07 18.12
CA LYS A 707 -2.53 9.73 18.85
C LYS A 707 -1.23 8.93 18.96
N LEU A 708 -0.11 9.57 18.61
CA LEU A 708 1.23 9.11 18.98
C LEU A 708 1.83 10.05 20.02
N ASP A 709 2.13 9.53 21.20
CA ASP A 709 2.55 10.34 22.34
C ASP A 709 4.04 10.16 22.61
N PHE A 710 4.85 11.11 22.13
CA PHE A 710 6.31 10.99 22.27
C PHE A 710 6.86 11.50 23.61
N THR A 711 5.96 11.84 24.53
CA THR A 711 6.30 12.05 25.94
C THR A 711 6.33 10.69 26.66
N TYR A 712 5.75 9.67 26.04
CA TYR A 712 5.69 8.32 26.60
C TYR A 712 4.88 8.21 27.90
N GLU A 713 4.07 9.25 28.18
CA GLU A 713 3.25 9.28 29.39
C GLU A 713 2.03 8.39 29.22
N THR A 714 1.46 8.38 28.00
CA THR A 714 0.28 7.55 27.67
C THR A 714 0.51 6.76 26.37
N ASN A 715 -0.27 5.70 26.16
CA ASN A 715 -0.29 4.94 24.89
C ASN A 715 -1.61 5.07 24.11
N ASN A 716 -2.49 5.99 24.54
CA ASN A 716 -3.83 6.21 23.93
C ASN A 716 -4.86 5.08 24.14
N TRP A 717 -4.63 4.23 25.15
CA TRP A 717 -5.62 3.23 25.55
C TRP A 717 -6.69 3.89 26.39
N GLY A 718 -7.93 3.42 26.26
CA GLY A 718 -9.03 3.92 27.11
C GLY A 718 -9.45 5.35 26.86
N VAL A 719 -9.58 5.74 25.60
CA VAL A 719 -9.96 7.11 25.25
C VAL A 719 -11.37 7.14 24.63
N GLY A 720 -12.20 6.18 25.05
CA GLY A 720 -13.54 6.04 24.52
C GLY A 720 -13.67 4.88 23.57
N LEU A 721 -14.90 4.43 23.38
CA LEU A 721 -15.21 3.48 22.31
C LEU A 721 -14.89 4.11 20.95
N PRO A 722 -14.25 3.36 20.05
CA PRO A 722 -13.90 3.89 18.72
C PRO A 722 -15.13 4.06 17.84
N PRO A 723 -15.04 4.87 16.75
CA PRO A 723 -16.21 5.22 15.91
C PRO A 723 -17.13 4.07 15.51
N SER A 724 -18.43 4.26 15.68
CA SER A 724 -19.41 3.19 15.50
C SER A 724 -19.44 2.61 14.09
N GLU A 725 -19.24 3.45 13.07
CA GLU A 725 -19.25 3.03 11.67
C GLU A 725 -18.48 1.73 11.39
N LYS A 726 -17.31 1.58 12.01
CA LYS A 726 -16.46 0.41 11.77
C LYS A 726 -16.35 -0.51 12.99
N ASN A 727 -16.81 -0.02 14.14
CA ASN A 727 -16.55 -0.72 15.39
C ASN A 727 -17.77 -1.19 16.21
N GLU A 728 -18.93 -0.59 15.98
CA GLU A 728 -20.08 -0.80 16.89
C GLU A 728 -20.35 -2.27 17.24
N ASP A 729 -20.27 -3.15 16.26
CA ASP A 729 -20.50 -4.58 16.45
C ASP A 729 -19.62 -5.20 17.55
N ASN A 730 -18.45 -4.60 17.78
CA ASN A 730 -17.50 -5.08 18.79
C ASN A 730 -17.47 -4.29 20.09
N TRP A 731 -18.24 -3.20 20.18
CA TRP A 731 -18.31 -2.39 21.42
C TRP A 731 -18.51 -3.17 22.70
N PRO A 732 -19.41 -4.18 22.70
CA PRO A 732 -19.60 -4.95 23.94
C PRO A 732 -18.35 -5.65 24.45
N LEU A 733 -17.45 -6.06 23.55
CA LEU A 733 -16.20 -6.64 24.02
C LEU A 733 -15.16 -5.59 24.42
N MET A 734 -15.28 -4.40 23.87
CA MET A 734 -14.30 -3.33 24.10
C MET A 734 -14.51 -2.62 25.43
N LYS A 735 -15.77 -2.30 25.74
CA LYS A 735 -16.13 -1.53 26.93
C LYS A 735 -15.50 -2.04 28.25
N PRO A 736 -15.66 -3.34 28.59
CA PRO A 736 -15.14 -3.77 29.89
C PRO A 736 -13.62 -3.73 29.93
N ARG A 737 -12.98 -3.85 28.77
CA ARG A 737 -11.51 -3.82 28.72
C ARG A 737 -11.00 -2.37 28.89
N LEU A 738 -11.58 -1.44 28.15
CA LEU A 738 -11.20 -0.03 28.21
C LEU A 738 -11.41 0.58 29.60
N GLU A 739 -12.43 0.10 30.31
CA GLU A 739 -12.76 0.57 31.66
C GLU A 739 -11.91 -0.08 32.75
N ASN A 740 -11.23 -1.16 32.43
CA ASN A 740 -10.46 -1.90 33.44
C ASN A 740 -9.04 -1.32 33.59
N PRO A 741 -8.73 -0.75 34.77
CA PRO A 741 -7.47 -0.02 35.00
C PRO A 741 -6.22 -0.88 34.82
N SER A 742 -6.34 -2.18 35.05
CA SER A 742 -5.18 -3.07 34.89
C SER A 742 -4.81 -3.36 33.42
N PHE A 743 -5.62 -2.86 32.49
CA PHE A 743 -5.30 -2.98 31.05
C PHE A 743 -4.40 -1.86 30.54
N LYS A 744 -4.30 -0.77 31.31
CA LYS A 744 -3.54 0.43 30.89
C LYS A 744 -2.09 0.37 31.36
N PRO A 745 -1.13 0.60 30.42
CA PRO A 745 0.26 0.61 30.84
C PRO A 745 0.66 1.96 31.41
N ALA A 746 1.61 1.96 32.34
CA ALA A 746 2.21 3.19 32.82
C ALA A 746 3.41 3.57 31.92
N LYS A 747 3.95 4.76 32.16
CA LYS A 747 5.16 5.24 31.51
C LYS A 747 6.30 4.21 31.54
N GLY A 748 6.49 3.57 32.70
CA GLY A 748 7.54 2.55 32.88
C GLY A 748 7.39 1.35 31.96
N HIS A 749 6.16 0.90 31.72
CA HIS A 749 5.90 -0.15 30.72
C HIS A 749 6.25 0.28 29.31
N ILE A 750 5.79 1.48 28.94
CA ILE A 750 6.00 2.02 27.58
C ILE A 750 7.50 2.13 27.29
N LEU A 751 8.24 2.73 28.22
CA LEU A 751 9.68 2.87 28.09
C LEU A 751 10.41 1.52 28.10
N ALA A 752 9.92 0.57 28.88
CA ALA A 752 10.50 -0.78 28.88
C ALA A 752 10.32 -1.48 27.53
N ALA A 753 9.13 -1.35 26.95
CA ALA A 753 8.83 -1.87 25.61
C ALA A 753 9.78 -1.28 24.56
N LEU A 754 9.99 0.03 24.65
CA LEU A 754 10.88 0.74 23.75
C LEU A 754 12.33 0.26 23.88
N ASP A 755 12.81 0.18 25.12
CA ASP A 755 14.17 -0.32 25.38
C ASP A 755 14.37 -1.72 24.82
N SER A 756 13.41 -2.62 25.05
CA SER A 756 13.53 -3.99 24.57
C SER A 756 13.45 -4.06 23.02
N PHE A 757 12.57 -3.25 22.43
CA PHE A 757 12.43 -3.18 20.96
C PHE A 757 13.75 -2.74 20.31
N VAL A 758 14.39 -1.72 20.89
CA VAL A 758 15.66 -1.21 20.40
C VAL A 758 16.73 -2.30 20.49
N ASP A 759 16.73 -3.03 21.62
CA ASP A 759 17.66 -4.13 21.83
C ASP A 759 17.55 -5.22 20.74
N ILE A 760 16.32 -5.56 20.37
CA ILE A 760 16.12 -6.63 19.39
C ILE A 760 16.46 -6.17 17.96
N LEU A 761 16.21 -4.88 17.67
CA LEU A 761 16.76 -4.27 16.45
C LEU A 761 18.28 -4.37 16.41
N LYS A 762 18.94 -4.01 17.52
CA LYS A 762 20.41 -4.09 17.59
C LYS A 762 20.94 -5.50 17.36
N ILE A 763 20.20 -6.50 17.84
CA ILE A 763 20.59 -7.89 17.64
C ILE A 763 20.50 -8.27 16.16
N ARG A 764 19.44 -7.82 15.48
CA ARG A 764 19.27 -8.12 14.04
C ARG A 764 20.49 -7.61 13.27
N TYR A 765 20.93 -6.40 13.60
CA TYR A 765 22.03 -5.79 12.88
C TYR A 765 23.42 -6.13 13.44
N SER A 766 23.45 -6.97 14.48
CA SER A 766 24.73 -7.42 15.06
C SER A 766 25.35 -8.59 14.28
N SER A 767 24.58 -9.21 13.38
CA SER A 767 25.02 -10.41 12.68
C SER A 767 24.34 -10.51 11.30
N PRO A 768 25.13 -10.71 10.23
CA PRO A 768 24.56 -10.89 8.88
C PRO A 768 23.75 -12.18 8.79
N LEU A 769 23.84 -13.03 9.81
CA LEU A 769 23.13 -14.30 9.80
C LEU A 769 21.62 -14.14 9.88
N PHE A 770 21.15 -13.05 10.49
CA PHE A 770 19.72 -12.77 10.57
C PHE A 770 19.14 -12.27 9.24
N ARG A 771 20.02 -11.93 8.31
CA ARG A 771 19.61 -11.23 7.09
C ARG A 771 20.16 -11.89 5.83
N LEU A 772 20.03 -13.20 5.75
CA LEU A 772 20.53 -13.93 4.59
C LEU A 772 19.84 -13.45 3.31
N SER A 773 20.60 -13.34 2.23
CA SER A 773 20.09 -12.69 1.03
C SER A 773 19.47 -13.62 -0.02
N THR A 774 19.72 -14.92 0.07
CA THR A 774 19.21 -15.86 -0.94
C THR A 774 18.51 -17.07 -0.31
N ALA A 775 17.59 -17.68 -1.08
CA ALA A 775 16.96 -18.97 -0.72
C ALA A 775 17.94 -20.11 -0.44
N ASN A 776 19.03 -20.17 -1.22
CA ASN A 776 20.09 -21.18 -1.01
C ASN A 776 20.77 -21.03 0.35
N ASP A 777 21.09 -19.78 0.73
CA ASP A 777 21.72 -19.51 2.03
C ASP A 777 20.82 -19.95 3.16
N ILE A 778 19.53 -19.64 3.07
CA ILE A 778 18.54 -20.02 4.09
C ILE A 778 18.39 -21.54 4.18
N LYS A 779 18.32 -22.19 3.03
CA LYS A 779 18.19 -23.66 3.00
C LYS A 779 19.42 -24.36 3.58
N GLN A 780 20.60 -23.81 3.32
CA GLN A 780 21.84 -24.36 3.86
C GLN A 780 22.00 -24.07 5.35
N ARG A 781 21.57 -22.90 5.80
CA ARG A 781 21.95 -22.39 7.13
C ARG A 781 20.89 -22.39 8.22
N VAL A 782 19.62 -22.31 7.84
CA VAL A 782 18.55 -22.12 8.84
C VAL A 782 17.86 -23.42 9.18
N ARG A 783 17.85 -23.77 10.47
CA ARG A 783 17.19 -24.98 10.95
C ARG A 783 16.25 -24.67 12.09
N PHE A 784 15.13 -25.37 12.16
CA PHE A 784 14.24 -25.31 13.32
C PHE A 784 14.39 -26.57 14.16
N HIS A 785 14.51 -26.38 15.48
CA HIS A 785 14.88 -27.48 16.36
C HIS A 785 13.76 -28.04 17.19
N ASN A 786 12.63 -27.36 17.26
CA ASN A 786 11.48 -27.88 18.00
C ASN A 786 10.33 -28.21 17.04
N THR A 787 10.33 -29.45 16.54
CA THR A 787 9.40 -29.88 15.50
C THR A 787 8.75 -31.24 15.81
N GLY A 788 7.81 -31.67 14.97
CA GLY A 788 7.23 -33.01 15.07
C GLY A 788 6.06 -33.12 16.04
N PRO A 789 5.42 -34.32 16.10
CA PRO A 789 4.26 -34.58 16.96
C PRO A 789 4.57 -34.34 18.45
N SER A 790 5.83 -34.44 18.82
CA SER A 790 6.22 -34.25 20.21
C SER A 790 6.81 -32.86 20.46
N LEU A 791 6.58 -31.92 19.54
CA LEU A 791 7.09 -30.56 19.71
C LEU A 791 6.60 -29.96 21.02
N VAL A 792 7.42 -29.13 21.65
CA VAL A 792 6.96 -28.43 22.85
C VAL A 792 6.06 -27.28 22.41
N PRO A 793 4.78 -27.29 22.86
CA PRO A 793 3.84 -26.25 22.44
C PRO A 793 4.33 -24.90 22.92
N GLY A 794 4.23 -23.91 22.05
CA GLY A 794 4.50 -22.52 22.41
C GLY A 794 5.97 -22.12 22.34
N VAL A 795 6.78 -22.99 21.77
CA VAL A 795 8.22 -22.70 21.65
C VAL A 795 8.66 -22.86 20.21
N ILE A 796 9.38 -21.85 19.72
CA ILE A 796 10.09 -21.95 18.44
C ILE A 796 11.58 -21.78 18.69
N VAL A 797 12.37 -22.72 18.17
CA VAL A 797 13.82 -22.62 18.24
C VAL A 797 14.43 -22.59 16.85
N MET A 798 15.10 -21.49 16.54
CA MET A 798 15.64 -21.23 15.22
C MET A 798 17.15 -21.13 15.31
N GLY A 799 17.82 -22.01 14.57
CA GLY A 799 19.28 -22.03 14.52
C GLY A 799 19.78 -21.48 13.20
N ILE A 800 20.87 -20.71 13.26
CA ILE A 800 21.50 -20.20 12.05
C ILE A 800 23.00 -20.46 12.06
N GLU A 801 23.45 -21.27 11.09
CA GLU A 801 24.85 -21.70 11.02
C GLU A 801 25.74 -20.79 10.15
N ASP A 802 26.98 -20.64 10.58
CA ASP A 802 28.02 -19.95 9.81
C ASP A 802 29.23 -20.88 9.70
N ALA A 803 30.16 -20.56 8.80
CA ALA A 803 31.34 -21.40 8.57
C ALA A 803 32.12 -21.65 9.86
N ARG A 804 32.35 -22.93 10.17
CA ARG A 804 33.17 -23.32 11.33
C ARG A 804 34.01 -24.55 11.04
N GLY A 805 35.11 -24.68 11.78
CA GLY A 805 36.05 -25.80 11.60
C GLY A 805 36.97 -25.62 10.41
N GLU A 806 37.91 -26.56 10.25
CA GLU A 806 38.86 -26.53 9.15
C GLU A 806 38.18 -26.90 7.82
N SER A 807 38.31 -26.01 6.84
CA SER A 807 37.72 -26.21 5.51
C SER A 807 36.22 -26.50 5.55
N PRO A 808 35.39 -25.49 5.86
CA PRO A 808 33.94 -25.68 5.94
C PRO A 808 33.30 -25.75 4.56
N GLU A 809 32.03 -26.15 4.50
CA GLU A 809 31.31 -26.25 3.23
C GLU A 809 30.47 -25.01 2.91
N MET A 810 30.79 -23.88 3.55
CA MET A 810 30.11 -22.61 3.32
C MET A 810 31.04 -21.42 3.59
N ALA A 811 30.72 -20.27 2.99
CA ALA A 811 31.46 -19.03 3.21
C ALA A 811 31.28 -18.56 4.65
N GLN A 812 32.29 -17.85 5.16
CA GLN A 812 32.15 -17.21 6.47
C GLN A 812 31.55 -15.82 6.33
N LEU A 813 30.32 -15.65 6.83
CA LEU A 813 29.62 -14.37 6.74
C LEU A 813 29.83 -13.51 7.96
N ASP A 814 30.05 -14.14 9.11
CA ASP A 814 30.08 -13.43 10.38
C ASP A 814 31.47 -13.52 11.01
N THR A 815 32.08 -12.36 11.24
CA THR A 815 33.43 -12.33 11.84
C THR A 815 33.39 -12.56 13.34
N ASN A 816 32.23 -12.35 13.97
CA ASN A 816 32.10 -12.45 15.43
C ASN A 816 31.51 -13.77 15.94
N PHE A 817 30.50 -14.30 15.24
CA PHE A 817 29.80 -15.49 15.71
C PHE A 817 29.83 -16.61 14.67
N SER A 818 29.87 -17.85 15.14
CA SER A 818 29.88 -19.00 14.22
C SER A 818 28.54 -19.72 14.15
N TYR A 819 27.65 -19.35 15.07
CA TYR A 819 26.32 -19.94 15.17
C TYR A 819 25.42 -19.05 16.03
N VAL A 820 24.15 -18.97 15.64
CA VAL A 820 23.15 -18.21 16.40
C VAL A 820 21.94 -19.10 16.63
N VAL A 821 21.41 -19.07 17.86
CA VAL A 821 20.16 -19.78 18.18
C VAL A 821 19.21 -18.80 18.88
N THR A 822 18.02 -18.69 18.32
CA THR A 822 16.96 -17.87 18.90
C THR A 822 15.86 -18.79 19.43
N VAL A 823 15.46 -18.56 20.68
CA VAL A 823 14.35 -19.27 21.29
C VAL A 823 13.23 -18.26 21.52
N PHE A 824 12.11 -18.48 20.85
CA PHE A 824 10.88 -17.74 21.14
C PHE A 824 10.03 -18.59 22.09
N ASN A 825 9.90 -18.16 23.34
CA ASN A 825 9.06 -18.86 24.32
C ASN A 825 7.82 -18.05 24.66
N VAL A 826 6.67 -18.44 24.11
CA VAL A 826 5.39 -17.77 24.45
C VAL A 826 4.64 -18.45 25.62
N CYS A 827 5.16 -19.58 26.12
CA CYS A 827 4.58 -20.22 27.32
C CYS A 827 4.72 -19.29 28.51
N PRO A 828 3.74 -19.28 29.42
CA PRO A 828 3.85 -18.46 30.62
C PRO A 828 5.03 -18.82 31.52
N HIS A 829 5.49 -20.07 31.43
CA HIS A 829 6.51 -20.62 32.32
C HIS A 829 7.82 -20.82 31.59
N GLU A 830 8.88 -20.97 32.37
CA GLU A 830 10.21 -21.32 31.87
C GLU A 830 10.18 -22.64 31.11
N VAL A 831 10.97 -22.72 30.04
CA VAL A 831 11.17 -23.98 29.31
C VAL A 831 12.66 -24.33 29.25
N SER A 832 12.92 -25.63 29.14
CA SER A 832 14.25 -26.18 28.94
C SER A 832 14.22 -26.98 27.67
N MET A 833 14.96 -26.53 26.67
CA MET A 833 15.00 -27.16 25.36
C MET A 833 16.34 -27.85 25.21
N ASP A 834 16.32 -29.18 25.14
CA ASP A 834 17.53 -29.95 24.88
C ASP A 834 17.70 -30.15 23.39
N ILE A 835 18.82 -29.65 22.89
CA ILE A 835 19.16 -29.78 21.49
C ILE A 835 20.54 -30.44 21.45
N PRO A 836 20.58 -31.78 21.47
CA PRO A 836 21.85 -32.53 21.49
C PRO A 836 22.77 -32.19 20.32
N ALA A 837 22.21 -31.81 19.17
CA ALA A 837 23.03 -31.41 18.02
C ALA A 837 23.90 -30.19 18.34
N LEU A 838 23.47 -29.39 19.31
CA LEU A 838 24.18 -28.18 19.73
C LEU A 838 24.85 -28.31 21.10
N ALA A 839 25.07 -29.54 21.56
CA ALA A 839 25.86 -29.76 22.77
C ALA A 839 27.34 -29.51 22.46
N SER A 840 28.15 -29.34 23.50
CA SER A 840 29.59 -29.15 23.36
C SER A 840 29.98 -27.95 22.50
N MET A 841 29.19 -26.88 22.57
CA MET A 841 29.48 -25.66 21.85
C MET A 841 29.63 -24.48 22.80
N GLY A 842 30.13 -23.35 22.29
CA GLY A 842 30.46 -22.23 23.17
C GLY A 842 29.36 -21.19 23.28
N PHE A 843 28.10 -21.61 23.41
CA PHE A 843 26.98 -20.66 23.41
C PHE A 843 26.96 -19.79 24.66
N GLU A 844 26.69 -18.51 24.43
CA GLU A 844 26.45 -17.54 25.47
C GLU A 844 25.22 -16.75 25.07
N LEU A 845 24.55 -16.17 26.06
CA LEU A 845 23.53 -15.20 25.79
C LEU A 845 24.15 -14.01 25.01
N HIS A 846 23.41 -13.48 24.04
CA HIS A 846 23.88 -12.34 23.24
C HIS A 846 24.25 -11.20 24.17
N PRO A 847 25.41 -10.54 23.92
CA PRO A 847 25.86 -9.40 24.74
C PRO A 847 24.80 -8.32 24.96
N VAL A 848 24.03 -8.01 23.94
CA VAL A 848 22.92 -7.06 24.07
C VAL A 848 21.98 -7.50 25.20
N GLN A 849 21.66 -8.79 25.26
CA GLN A 849 20.75 -9.28 26.31
C GLN A 849 21.44 -9.46 27.67
N VAL A 850 22.72 -9.83 27.66
CA VAL A 850 23.49 -9.93 28.91
C VAL A 850 23.37 -8.59 29.64
N ASN A 851 23.50 -7.52 28.88
CA ASN A 851 23.42 -6.15 29.40
C ASN A 851 22.05 -5.50 29.30
N SER A 852 21.01 -6.32 29.25
CA SER A 852 19.63 -5.85 29.07
C SER A 852 19.08 -5.22 30.35
N SER A 853 18.18 -4.27 30.19
CA SER A 853 17.46 -3.69 31.33
C SER A 853 16.32 -4.61 31.80
N ASP A 854 15.97 -5.59 30.97
CA ASP A 854 15.02 -6.63 31.36
C ASP A 854 15.75 -7.64 32.24
N THR A 855 15.28 -7.80 33.47
CA THR A 855 15.89 -8.75 34.41
C THR A 855 15.66 -10.21 33.99
N LEU A 856 14.47 -10.50 33.45
CA LEU A 856 14.10 -11.88 33.11
C LEU A 856 15.00 -12.55 32.08
N VAL A 857 15.31 -11.85 30.99
CA VAL A 857 16.10 -12.48 29.93
C VAL A 857 17.51 -12.84 30.39
N ARG A 858 18.04 -12.08 31.35
CA ARG A 858 19.35 -12.36 31.95
C ARG A 858 19.40 -13.71 32.67
N LYS A 859 18.24 -14.31 32.93
CA LYS A 859 18.17 -15.62 33.56
C LYS A 859 18.34 -16.79 32.58
N SER A 860 18.38 -16.48 31.27
CA SER A 860 18.52 -17.50 30.22
C SER A 860 19.86 -18.21 30.36
N ALA A 861 19.91 -19.50 30.02
CA ALA A 861 21.13 -20.27 30.19
C ALA A 861 21.33 -21.33 29.12
N TYR A 862 22.58 -21.68 28.87
CA TYR A 862 22.94 -22.82 28.01
C TYR A 862 23.85 -23.79 28.77
N GLU A 863 23.57 -25.08 28.66
CA GLU A 863 24.45 -26.08 29.25
C GLU A 863 25.13 -26.91 28.17
N ALA A 864 26.46 -26.78 28.09
CA ALA A 864 27.25 -27.47 27.09
C ALA A 864 27.18 -28.99 27.18
N ALA A 865 26.99 -29.53 28.39
CA ALA A 865 27.01 -30.98 28.59
C ALA A 865 25.89 -31.70 27.83
N THR A 866 24.76 -31.01 27.65
CA THR A 866 23.53 -31.64 27.17
C THR A 866 22.94 -30.87 25.97
N GLY A 867 23.46 -29.68 25.73
CA GLY A 867 22.88 -28.75 24.76
C GLY A 867 21.53 -28.27 25.25
N ARG A 868 21.43 -28.02 26.56
CA ARG A 868 20.18 -27.54 27.13
C ARG A 868 20.11 -26.02 27.15
N PHE A 869 19.05 -25.48 26.56
CA PHE A 869 18.80 -24.04 26.60
C PHE A 869 17.60 -23.79 27.52
N THR A 870 17.79 -22.91 28.49
CA THR A 870 16.76 -22.59 29.46
C THR A 870 16.34 -21.15 29.23
N VAL A 871 15.03 -20.94 29.06
CA VAL A 871 14.48 -19.63 28.68
C VAL A 871 13.25 -19.31 29.57
N PRO A 872 13.23 -18.14 30.24
CA PRO A 872 12.08 -17.79 31.08
C PRO A 872 10.80 -17.67 30.26
N GLY A 873 9.66 -17.69 30.98
CA GLY A 873 8.35 -17.51 30.35
C GLY A 873 8.23 -16.21 29.60
N ARG A 874 7.50 -16.24 28.48
CA ARG A 874 7.18 -15.02 27.69
C ARG A 874 8.43 -14.24 27.34
N THR A 875 9.44 -14.94 26.84
CA THR A 875 10.74 -14.35 26.60
C THR A 875 11.28 -14.81 25.25
N VAL A 876 12.05 -13.93 24.59
CA VAL A 876 12.85 -14.31 23.45
C VAL A 876 14.33 -14.22 23.83
N SER A 877 15.02 -15.35 23.76
CA SER A 877 16.44 -15.42 24.08
C SER A 877 17.28 -15.76 22.86
N VAL A 878 18.29 -14.93 22.61
CA VAL A 878 19.21 -15.15 21.52
C VAL A 878 20.55 -15.59 22.09
N PHE A 879 21.02 -16.77 21.69
CA PHE A 879 22.32 -17.29 22.10
C PHE A 879 23.30 -17.27 20.93
N VAL A 880 24.55 -16.94 21.21
CA VAL A 880 25.58 -16.85 20.16
C VAL A 880 26.79 -17.69 20.51
N GLU A 881 27.47 -18.19 19.49
CA GLU A 881 28.76 -18.83 19.72
C GLU A 881 29.86 -17.91 19.22
N PRO A 882 30.58 -17.25 20.15
CA PRO A 882 31.60 -16.29 19.72
C PRO A 882 32.78 -17.02 19.07
N ARG A 883 33.44 -16.37 18.14
CA ARG A 883 34.60 -16.95 17.46
C ARG A 883 35.89 -16.77 18.28
#